data_7XAV
#
_entry.id   7XAV
#
_cell.length_a   1.00
_cell.length_b   1.00
_cell.length_c   1.00
_cell.angle_alpha   90.00
_cell.angle_beta   90.00
_cell.angle_gamma   90.00
#
_symmetry.space_group_name_H-M   'P 1'
#
loop_
_entity.id
_entity.type
_entity.pdbx_description
1 polymer 'Somatostatin receptor type 2,LargeBit'
2 polymer 'Guanine nucleotide-binding protein G(i) subunit alpha-1'
3 polymer 'Guanine nucleotide-binding protein G(I)/G(S)/G(T) subunit beta-1'
4 polymer 'Guanine nucleotide-binding protein G(I)/G(S)/G(O) subunit gamma-2'
5 polymer ScFv16
6 polymer Lanreotide
#
loop_
_entity_poly.entity_id
_entity_poly.type
_entity_poly.pdbx_seq_one_letter_code
_entity_poly.pdbx_strand_id
1 'polypeptide(L)'
;MKTIIALSYIFCLVFADYKDDDDKGSGSHHHHHHHHHHLEVLFQGPMDMADEPLNGSHTWLSIPFDLNGSVVSTNTSNQT
EPYYDLTSNAVLTFIYFVVCIIGLCGNTLVIYVILRYAKMKTITNIYILNLAIADELFMLGLPFLAMQVALVHWPFGKAI
CRVVMTVDGINQFTSIFCLTVMSIDRYLAVVHPIKSAKWRRPRTAKMITMAVWGVSLLVILPIMIYAGLRSNQWGRSSCT
INWPGESGAWYTGFIIYTFILGFLVPLTIICLCYLFIIIKVKSSGIRVGSSKRKKSEKKVTRMVSIVVAVFIFCWLPFYI
FNVSSVSMAISPTPALKGMFDFVVVLTYANSCANPILYAFLSDNFKKSFQNVLCLVKVSGTDDGERSDSKQDKSRLNETT
ETQRTVFTLEDFVGDWEQTAAYNLDQVLEQGGVSSLLQNLAVSVTPIQRIVRSGENALKIDIHVIIPYEGLSADQMAQIE
EVFKVVYPVDDHHFKVILPYGTLVIDGVTPNMLNYFGRPYEGIAVFDGKKITVTGTLWNGNKIIDERLITPDGSMLFRVT
INS
;
A
2 'polypeptide(L)'
;MGCTLSAEDKAAVERSKMIDRNLREDGEKAAREVKLLLLGAGESGKNTIVKQMKIIHEAGYSEEECKQYKAVVYSNTIQS
IIAIIRAMGRLKIDFGDSARADDARQLFVLAGAAEEGFMTAELAGVIKRLWKDSGVQACFNRSREYQLNDSAAYYLNDLD
RIAQPNYIPTQQDVLRTRVKTTGIVETHFTFKDLHFKMFDVGAQRSERKKWIHCFEGVTAIIFCVALSDYDLVLAEDEEM
NRMHESMKLFDSICNNKWFTDTSIILFLNKKDLFEEKIKKSPLTICYPEYAGSNTYEEAAAYIQCQFEDLNKRKDTKEIY
THFTCSTDTKNVQFVFDAVTDVIIKNNLKDCGLF
;
B
3 'polypeptide(L)'
;MHHHHHHGSLLQSELDQLRQEAEQLKNQIRDARKACADATLSQITNNIDPVGRIQMRTRRTLRGHLAKIYAMHWGTDSRL
LVSASQDGKLIIWDSYTTNKVHAIPLRSSWVMTCAYAPSGNYVACGGLDNICSIYNLKTREGNVRVSRELAGHTGYLSCC
RFLDDNQIVTSSGDTTCALWDIETGQQTTTFTGHTGDVMSLSLAPDTRLFVSGACDASAKLWDVREGMCRQTFTGHESDI
NAICFFPNGNAFATGSDDATCRLFDLRADQELMTYSHDNIICGITSVSFSKSGRLLLAGYDDFNCNVWDALKADRAGVLA
GHDNRVSCLGVTDDGMAVATGSWDSFLKIWNGSS
;
C
4 'polypeptide(L)' MASNNTASIAQARKLVEQLKMEANIDRIKVSKAAADLMAYCEAHAKEDPLLTPVPASENPFREKKFFCAIL D
5 'polypeptide(L)'
;MLLVNQSHQGFNKEHTSKMVSAIVLYVLLAAAAHSAFDVQLVESGGGLVQPGGSRKLSCSASGFAFSSFGMHWVRQAPEK
GLEWVAYISSGSGTIYYADTVKGRFTISRDDPKNTLFLQMTSLRSEDTAMYYCVRSIYYYGSSPFDFWGQGTTLTVSSGG
GGSGGGGSGGGGSSDIVMTQATSSVPVTPGESVSISCRSSKSLLHSNGNTYLYWFLQRPGQSPQLLIYRMSNLASGVPDR
FSGSGSGTAFTLTISRLEAEDVGVYYCMQHLEYPLTFGAGTKLELVDENLYFQGASHHHHHHHH
;
E
6 'polypeptide(L)' (4J2)CY(DTR)KVCT(NH2) F
#
# COMPACT_ATOMS: atom_id res chain seq x y z
N SER A 88 -4.44 25.75 -55.99
CA SER A 88 -5.53 24.83 -55.66
C SER A 88 -5.53 24.49 -54.18
N ASN A 89 -4.96 25.38 -53.37
CA ASN A 89 -4.81 25.17 -51.93
C ASN A 89 -6.03 25.68 -51.16
N ALA A 90 -7.22 25.25 -51.56
CA ALA A 90 -8.42 25.63 -50.85
C ALA A 90 -8.67 24.71 -49.66
N VAL A 91 -8.80 23.40 -49.91
CA VAL A 91 -8.93 22.42 -48.84
C VAL A 91 -7.58 21.94 -48.34
N LEU A 92 -6.48 22.34 -48.99
CA LEU A 92 -5.15 21.92 -48.55
C LEU A 92 -4.73 22.61 -47.27
N THR A 93 -4.89 23.94 -47.19
CA THR A 93 -4.53 24.64 -45.97
C THR A 93 -5.54 24.37 -44.87
N PHE A 94 -6.77 24.01 -45.23
CA PHE A 94 -7.80 23.76 -44.23
C PHE A 94 -7.59 22.42 -43.51
N ILE A 95 -7.05 21.43 -44.22
CA ILE A 95 -6.95 20.08 -43.65
C ILE A 95 -5.81 20.00 -42.64
N TYR A 96 -4.83 20.91 -42.70
CA TYR A 96 -3.73 20.88 -41.74
C TYR A 96 -4.19 21.30 -40.36
N PHE A 97 -5.03 22.34 -40.27
CA PHE A 97 -5.59 22.78 -39.01
C PHE A 97 -6.82 21.98 -38.61
N VAL A 98 -7.38 21.18 -39.52
CA VAL A 98 -8.49 20.30 -39.17
C VAL A 98 -7.99 18.99 -38.56
N VAL A 99 -6.74 18.60 -38.82
CA VAL A 99 -6.16 17.45 -38.16
C VAL A 99 -5.34 17.87 -36.93
N CYS A 100 -4.98 19.14 -36.83
CA CYS A 100 -4.29 19.62 -35.63
C CYS A 100 -5.26 19.82 -34.47
N ILE A 101 -6.55 19.94 -34.77
CA ILE A 101 -7.54 20.04 -33.70
C ILE A 101 -7.78 18.68 -33.06
N ILE A 102 -7.95 17.64 -33.88
CA ILE A 102 -8.21 16.31 -33.35
C ILE A 102 -6.94 15.68 -32.78
N GLY A 103 -5.77 16.12 -33.26
CA GLY A 103 -4.53 15.55 -32.75
C GLY A 103 -4.12 16.14 -31.41
N LEU A 104 -4.22 17.46 -31.28
CA LEU A 104 -3.84 18.10 -30.02
C LEU A 104 -4.85 17.85 -28.92
N CYS A 105 -6.08 17.49 -29.27
CA CYS A 105 -7.08 17.10 -28.28
C CYS A 105 -7.10 15.61 -28.03
N GLY A 106 -6.66 14.80 -29.00
CA GLY A 106 -6.68 13.36 -28.84
C GLY A 106 -5.68 12.87 -27.81
N ASN A 107 -4.45 13.38 -27.89
CA ASN A 107 -3.40 13.00 -26.94
C ASN A 107 -3.47 13.79 -25.65
N THR A 108 -4.33 14.81 -25.56
CA THR A 108 -4.60 15.42 -24.27
C THR A 108 -5.51 14.50 -23.45
N LEU A 109 -6.40 13.78 -24.12
CA LEU A 109 -7.27 12.82 -23.46
C LEU A 109 -6.52 11.64 -22.86
N VAL A 110 -5.32 11.35 -23.35
CA VAL A 110 -4.54 10.26 -22.80
C VAL A 110 -3.75 10.74 -21.58
N ILE A 111 -3.21 11.94 -21.64
CA ILE A 111 -2.45 12.45 -20.48
C ILE A 111 -3.41 12.89 -19.38
N TYR A 112 -4.66 13.22 -19.72
CA TYR A 112 -5.64 13.56 -18.70
C TYR A 112 -6.05 12.35 -17.87
N VAL A 113 -5.93 11.14 -18.43
CA VAL A 113 -6.33 9.93 -17.72
C VAL A 113 -5.14 9.11 -17.25
N ILE A 114 -3.91 9.59 -17.45
CA ILE A 114 -2.72 8.93 -16.95
C ILE A 114 -1.97 9.78 -15.94
N LEU A 115 -1.87 11.10 -16.18
CA LEU A 115 -1.21 11.94 -15.20
C LEU A 115 -2.07 12.13 -13.96
N ARG A 116 -3.39 11.99 -14.08
CA ARG A 116 -4.30 12.13 -12.94
C ARG A 116 -4.74 10.77 -12.40
N TYR A 117 -5.41 9.96 -13.23
CA TYR A 117 -5.92 8.66 -12.81
C TYR A 117 -4.92 7.57 -13.17
N ALA A 118 -3.81 7.59 -12.44
CA ALA A 118 -2.57 7.01 -12.90
C ALA A 118 -2.58 5.49 -12.81
N LYS A 119 -1.61 4.90 -13.50
CA LYS A 119 -1.17 3.54 -13.21
C LYS A 119 0.25 3.55 -12.65
N MET A 120 1.21 4.11 -13.39
CA MET A 120 2.54 4.53 -12.91
C MET A 120 3.45 3.38 -12.48
N LYS A 121 2.91 2.17 -12.45
CA LYS A 121 3.68 0.97 -12.16
C LYS A 121 3.23 -0.15 -13.09
N THR A 122 2.11 0.02 -13.78
CA THR A 122 1.80 -0.72 -14.98
C THR A 122 2.60 -0.06 -16.09
N ILE A 123 3.70 -0.70 -16.48
CA ILE A 123 4.72 0.03 -17.25
C ILE A 123 4.30 0.22 -18.69
N THR A 124 3.23 -0.42 -19.13
CA THR A 124 2.65 -0.07 -20.40
C THR A 124 1.89 1.24 -20.36
N ASN A 125 1.67 1.82 -19.18
CA ASN A 125 1.01 3.10 -19.06
C ASN A 125 1.96 4.25 -18.85
N ILE A 126 3.27 4.00 -18.81
CA ILE A 126 4.23 5.07 -18.95
C ILE A 126 4.74 5.17 -20.38
N TYR A 127 4.50 4.15 -21.20
CA TYR A 127 4.84 4.21 -22.62
C TYR A 127 3.75 4.90 -23.41
N ILE A 128 2.49 4.58 -23.14
CA ILE A 128 1.39 5.25 -23.83
C ILE A 128 1.21 6.67 -23.31
N LEU A 129 1.70 6.97 -22.11
CA LEU A 129 1.83 8.36 -21.72
C LEU A 129 2.91 9.06 -22.54
N ASN A 130 4.08 8.41 -22.69
CA ASN A 130 5.19 9.04 -23.38
C ASN A 130 4.96 9.11 -24.89
N LEU A 131 4.17 8.19 -25.43
CA LEU A 131 3.74 8.36 -26.81
C LEU A 131 2.75 9.50 -26.94
N ALA A 132 1.92 9.72 -25.93
CA ALA A 132 0.94 10.80 -25.98
C ALA A 132 1.60 12.16 -25.80
N ILE A 133 2.72 12.22 -25.08
CA ILE A 133 3.49 13.45 -25.02
C ILE A 133 4.09 13.76 -26.37
N ALA A 134 4.67 12.75 -27.02
CA ALA A 134 5.35 12.93 -28.29
C ALA A 134 4.37 13.27 -29.41
N ASP A 135 3.22 12.62 -29.44
CA ASP A 135 2.22 12.97 -30.43
C ASP A 135 1.49 14.27 -30.12
N GLU A 136 1.70 14.84 -28.93
CA GLU A 136 1.20 16.17 -28.64
C GLU A 136 2.19 17.25 -29.05
N LEU A 137 3.48 17.04 -28.79
CA LEU A 137 4.49 18.02 -29.20
C LEU A 137 4.71 17.99 -30.71
N PHE A 138 4.51 16.82 -31.36
CA PHE A 138 4.62 16.76 -32.81
C PHE A 138 3.43 17.39 -33.51
N MET A 139 2.34 17.61 -32.81
CA MET A 139 1.21 18.31 -33.39
C MET A 139 1.35 19.83 -33.21
N LEU A 140 2.16 20.28 -32.26
CA LEU A 140 2.34 21.71 -32.02
C LEU A 140 3.17 22.39 -33.08
N GLY A 141 3.91 21.62 -33.89
CA GLY A 141 4.61 22.16 -35.04
C GLY A 141 3.84 22.08 -36.34
N LEU A 142 2.64 21.52 -36.31
CA LEU A 142 1.77 21.46 -37.49
C LEU A 142 1.11 22.78 -37.89
N PRO A 143 0.61 23.64 -36.97
CA PRO A 143 0.12 24.95 -37.45
C PRO A 143 1.22 25.90 -37.88
N PHE A 144 2.46 25.70 -37.43
CA PHE A 144 3.56 26.53 -37.92
C PHE A 144 3.91 26.19 -39.37
N LEU A 145 3.66 24.96 -39.78
CA LEU A 145 3.83 24.56 -41.17
C LEU A 145 2.54 24.68 -41.98
N ALA A 146 1.42 24.99 -41.32
CA ALA A 146 0.15 25.02 -42.02
C ALA A 146 0.01 26.27 -42.89
N MET A 147 0.51 27.41 -42.40
CA MET A 147 0.39 28.65 -43.16
C MET A 147 1.37 28.71 -44.32
N GLN A 148 2.41 27.87 -44.32
CA GLN A 148 3.42 27.96 -45.37
C GLN A 148 2.95 27.44 -46.71
N VAL A 149 1.84 26.71 -46.77
CA VAL A 149 1.28 26.32 -48.06
C VAL A 149 0.29 27.35 -48.60
N ALA A 150 -0.21 28.26 -47.77
CA ALA A 150 -1.01 29.38 -48.24
C ALA A 150 -0.15 30.63 -48.40
N LEU A 151 0.42 31.10 -47.29
CA LEU A 151 1.41 32.18 -47.32
C LEU A 151 2.78 31.55 -47.47
N VAL A 152 3.30 31.54 -48.71
CA VAL A 152 4.52 30.81 -49.03
C VAL A 152 5.72 31.47 -48.36
N HIS A 153 5.70 32.80 -48.20
CA HIS A 153 6.68 33.47 -47.36
C HIS A 153 6.50 33.04 -45.91
N TRP A 154 7.60 32.60 -45.31
CA TRP A 154 7.60 32.01 -43.98
C TRP A 154 7.95 33.09 -42.97
N PRO A 155 7.66 32.86 -41.68
CA PRO A 155 8.19 33.74 -40.63
C PRO A 155 9.71 33.69 -40.47
N PHE A 156 10.21 34.37 -39.43
CA PHE A 156 11.63 34.70 -39.28
C PHE A 156 12.45 33.42 -39.10
N GLY A 157 13.16 33.03 -40.17
CA GLY A 157 13.91 31.80 -40.21
C GLY A 157 15.16 31.77 -39.37
N LYS A 158 15.55 32.89 -38.78
CA LYS A 158 16.69 32.88 -37.86
C LYS A 158 16.36 32.13 -36.58
N ALA A 159 15.13 32.24 -36.11
CA ALA A 159 14.74 31.57 -34.88
C ALA A 159 13.52 30.67 -35.03
N ILE A 160 12.50 31.10 -35.78
CA ILE A 160 11.26 30.33 -35.85
C ILE A 160 11.42 29.10 -36.74
N CYS A 161 11.74 29.32 -38.02
CA CYS A 161 12.01 28.21 -38.92
C CYS A 161 13.36 27.54 -38.69
N ARG A 162 14.15 28.03 -37.72
CA ARG A 162 15.38 27.34 -37.37
C ARG A 162 15.19 26.33 -36.25
N VAL A 163 14.07 26.39 -35.52
CA VAL A 163 13.84 25.45 -34.43
C VAL A 163 12.47 24.78 -34.49
N VAL A 164 11.52 25.27 -35.29
CA VAL A 164 10.22 24.59 -35.32
C VAL A 164 10.29 23.33 -36.19
N MET A 165 11.31 23.22 -37.03
CA MET A 165 11.61 21.94 -37.67
C MET A 165 12.56 21.10 -36.84
N THR A 166 13.06 21.63 -35.73
CA THR A 166 13.73 20.84 -34.71
C THR A 166 12.75 20.31 -33.66
N VAL A 167 11.57 20.92 -33.54
CA VAL A 167 10.50 20.38 -32.70
C VAL A 167 9.62 19.39 -33.47
N ASP A 168 9.48 19.56 -34.78
CA ASP A 168 8.91 18.51 -35.62
C ASP A 168 9.95 17.54 -36.13
N GLY A 169 11.09 17.41 -35.46
CA GLY A 169 11.99 16.34 -35.74
C GLY A 169 12.20 15.41 -34.56
N ILE A 170 12.25 15.94 -33.34
CA ILE A 170 12.37 15.11 -32.15
C ILE A 170 11.03 14.46 -31.79
N ASN A 171 9.94 15.20 -31.89
CA ASN A 171 8.66 14.66 -31.52
C ASN A 171 8.04 13.81 -32.62
N GLN A 172 8.62 13.81 -33.81
CA GLN A 172 8.20 12.90 -34.87
C GLN A 172 9.03 11.63 -34.89
N PHE A 173 10.25 11.66 -34.36
CA PHE A 173 11.06 10.47 -34.26
C PHE A 173 11.01 9.82 -32.88
N THR A 174 10.20 10.33 -31.97
CA THR A 174 9.84 9.56 -30.79
C THR A 174 8.42 9.05 -30.87
N SER A 175 7.54 9.76 -31.58
CA SER A 175 6.19 9.25 -31.81
C SER A 175 6.16 8.15 -32.87
N ILE A 176 7.30 7.74 -33.41
CA ILE A 176 7.46 6.43 -34.03
C ILE A 176 8.53 5.60 -33.35
N PHE A 177 9.10 6.09 -32.25
CA PHE A 177 9.98 5.29 -31.40
C PHE A 177 9.38 4.97 -30.04
N CYS A 178 8.38 5.72 -29.59
CA CYS A 178 7.64 5.24 -28.43
C CYS A 178 6.75 4.08 -28.80
N LEU A 179 6.30 3.98 -30.04
CA LEU A 179 5.48 2.84 -30.44
C LEU A 179 6.27 1.72 -31.08
N THR A 180 7.58 1.76 -31.05
CA THR A 180 8.38 0.57 -31.36
C THR A 180 9.07 0.04 -30.12
N VAL A 181 8.96 0.74 -28.99
CA VAL A 181 9.36 0.18 -27.71
C VAL A 181 8.13 -0.21 -26.90
N MET A 182 6.97 0.37 -27.19
CA MET A 182 5.72 -0.16 -26.66
C MET A 182 5.35 -1.47 -27.32
N SER A 183 5.77 -1.69 -28.56
CA SER A 183 5.54 -2.97 -29.20
C SER A 183 6.59 -4.00 -28.88
N ILE A 184 7.73 -3.61 -28.33
CA ILE A 184 8.66 -4.57 -27.75
C ILE A 184 8.22 -4.89 -26.33
N ASP A 185 7.62 -3.90 -25.66
CA ASP A 185 7.01 -4.11 -24.35
C ASP A 185 5.93 -5.18 -24.40
N ARG A 186 5.08 -5.14 -25.43
CA ARG A 186 4.07 -6.17 -25.61
C ARG A 186 4.68 -7.50 -26.00
N TYR A 187 5.86 -7.52 -26.58
CA TYR A 187 6.50 -8.79 -26.87
C TYR A 187 7.06 -9.40 -25.60
N LEU A 188 7.59 -8.59 -24.70
CA LEU A 188 8.23 -9.13 -23.51
C LEU A 188 7.20 -9.64 -22.50
N ALA A 189 5.98 -9.11 -22.56
CA ALA A 189 4.92 -9.65 -21.71
C ALA A 189 4.36 -10.94 -22.29
N VAL A 190 3.81 -10.88 -23.50
CA VAL A 190 2.92 -11.91 -23.99
C VAL A 190 3.67 -13.17 -24.45
N VAL A 191 4.96 -13.10 -24.76
CA VAL A 191 5.67 -14.33 -25.09
C VAL A 191 6.76 -14.69 -24.09
N HIS A 192 7.20 -13.75 -23.25
CA HIS A 192 8.22 -14.05 -22.23
C HIS A 192 7.76 -13.57 -20.86
N PRO A 193 6.67 -14.12 -20.32
CA PRO A 193 6.11 -13.59 -19.08
C PRO A 193 6.84 -14.02 -17.81
N ILE A 194 8.01 -14.66 -17.93
CA ILE A 194 8.82 -15.07 -16.80
C ILE A 194 10.16 -14.34 -16.78
N LYS A 195 10.89 -14.38 -17.89
CA LYS A 195 12.21 -13.78 -17.95
C LYS A 195 12.18 -12.27 -18.15
N SER A 196 11.00 -11.68 -18.34
CA SER A 196 10.94 -10.24 -18.58
C SER A 196 11.07 -9.44 -17.30
N ALA A 197 10.45 -9.94 -16.21
CA ALA A 197 10.20 -9.14 -15.02
C ALA A 197 11.46 -8.74 -14.26
N LYS A 198 12.62 -9.27 -14.62
CA LYS A 198 13.88 -8.73 -14.12
C LYS A 198 14.27 -7.44 -14.85
N TRP A 199 13.72 -7.21 -16.04
CA TRP A 199 13.97 -6.00 -16.81
C TRP A 199 12.66 -5.36 -17.26
N ARG A 200 11.65 -5.41 -16.40
CA ARG A 200 10.34 -4.88 -16.74
C ARG A 200 9.76 -4.10 -15.56
N ARG A 201 10.50 -3.94 -14.47
CA ARG A 201 10.07 -3.16 -13.32
C ARG A 201 9.94 -1.68 -13.71
N PRO A 202 9.12 -0.90 -13.00
CA PRO A 202 8.88 0.48 -13.44
C PRO A 202 9.97 1.46 -13.04
N ARG A 203 11.24 1.07 -13.18
CA ARG A 203 12.36 1.98 -12.99
C ARG A 203 13.31 1.82 -14.16
N THR A 204 13.40 0.60 -14.69
CA THR A 204 14.10 0.39 -15.94
C THR A 204 13.27 0.81 -17.13
N ALA A 205 11.95 0.95 -16.97
CA ALA A 205 11.13 1.49 -18.04
C ALA A 205 11.25 3.00 -18.10
N LYS A 206 11.48 3.66 -16.97
CA LYS A 206 11.76 5.09 -16.97
C LYS A 206 13.16 5.39 -17.49
N MET A 207 14.05 4.41 -17.51
CA MET A 207 15.37 4.54 -18.12
C MET A 207 15.38 4.17 -19.60
N ILE A 208 14.28 3.64 -20.11
CA ILE A 208 14.11 3.49 -21.55
C ILE A 208 13.24 4.59 -22.11
N THR A 209 12.18 4.98 -21.39
CA THR A 209 11.25 5.97 -21.89
C THR A 209 11.81 7.38 -21.94
N MET A 210 12.96 7.62 -21.31
CA MET A 210 13.74 8.83 -21.56
C MET A 210 14.89 8.59 -22.50
N ALA A 211 15.33 7.34 -22.65
CA ALA A 211 16.36 7.00 -23.62
C ALA A 211 15.86 7.08 -25.05
N VAL A 212 14.55 7.09 -25.28
CA VAL A 212 14.05 7.34 -26.63
C VAL A 212 13.95 8.83 -26.89
N TRP A 213 13.76 9.65 -25.85
CA TRP A 213 13.69 11.09 -26.01
C TRP A 213 15.06 11.70 -26.30
N GLY A 214 16.14 10.99 -25.98
CA GLY A 214 17.47 11.49 -26.22
C GLY A 214 18.07 10.97 -27.51
N VAL A 215 17.61 9.82 -27.98
CA VAL A 215 18.15 9.23 -29.21
C VAL A 215 17.72 10.05 -30.41
N SER A 216 16.49 10.56 -30.40
CA SER A 216 15.95 11.31 -31.53
C SER A 216 16.68 12.63 -31.78
N LEU A 217 17.16 13.29 -30.73
CA LEU A 217 17.90 14.53 -30.95
C LEU A 217 19.30 14.23 -31.46
N LEU A 218 19.84 13.06 -31.18
CA LEU A 218 21.04 12.58 -31.85
C LEU A 218 20.77 12.03 -33.24
N VAL A 219 19.52 12.06 -33.69
CA VAL A 219 19.19 11.59 -35.03
C VAL A 219 18.87 12.76 -35.95
N ILE A 220 18.25 13.81 -35.41
CA ILE A 220 17.83 14.92 -36.27
C ILE A 220 18.93 15.97 -36.41
N LEU A 221 20.13 15.66 -35.93
CA LEU A 221 21.30 16.56 -36.00
C LEU A 221 21.61 17.12 -37.39
N PRO A 222 21.28 16.45 -38.51
CA PRO A 222 21.19 17.20 -39.78
C PRO A 222 20.19 18.35 -39.78
N ILE A 223 18.98 18.15 -39.25
CA ILE A 223 17.99 19.21 -39.27
C ILE A 223 18.34 20.27 -38.23
N MET A 224 19.13 19.90 -37.22
CA MET A 224 19.46 20.81 -36.13
C MET A 224 20.33 21.97 -36.59
N ILE A 225 21.23 21.73 -37.55
CA ILE A 225 22.13 22.79 -37.98
C ILE A 225 21.74 23.35 -39.34
N TYR A 226 21.22 22.52 -40.24
CA TYR A 226 20.87 22.97 -41.58
C TYR A 226 19.37 23.29 -41.67
N ALA A 227 19.00 24.42 -41.08
CA ALA A 227 17.61 24.86 -41.15
C ALA A 227 17.21 25.30 -42.54
N GLY A 228 18.08 26.07 -43.21
CA GLY A 228 17.91 26.37 -44.62
C GLY A 228 16.73 27.24 -45.00
N LEU A 229 16.79 28.53 -44.67
CA LEU A 229 15.77 29.48 -45.11
C LEU A 229 15.95 29.71 -46.61
N ARG A 230 15.07 29.11 -47.41
CA ARG A 230 15.26 29.10 -48.85
C ARG A 230 14.09 29.81 -49.53
N SER A 231 14.37 30.37 -50.71
CA SER A 231 13.45 31.16 -51.51
C SER A 231 13.52 30.73 -52.97
N ASN A 232 13.40 29.43 -53.21
CA ASN A 232 13.71 28.87 -54.52
C ASN A 232 12.63 29.21 -55.55
N GLN A 233 11.38 28.85 -55.28
CA GLN A 233 10.31 28.94 -56.27
C GLN A 233 9.53 30.24 -56.04
N TRP A 234 9.62 31.15 -57.04
CA TRP A 234 8.84 32.39 -57.11
C TRP A 234 9.08 33.32 -55.92
N GLY A 235 10.30 33.31 -55.39
CA GLY A 235 10.58 34.07 -54.18
C GLY A 235 9.88 33.46 -52.99
N ARG A 236 9.38 34.33 -52.10
CA ARG A 236 8.49 33.98 -50.99
C ARG A 236 9.15 32.95 -50.06
N SER A 237 10.20 33.43 -49.40
CA SER A 237 11.18 32.60 -48.70
C SER A 237 10.55 31.70 -47.64
N SER A 238 10.90 30.42 -47.70
CA SER A 238 10.31 29.41 -46.84
C SER A 238 11.47 28.68 -46.14
N CYS A 239 11.15 27.57 -45.48
CA CYS A 239 12.11 26.90 -44.59
C CYS A 239 11.94 25.39 -44.70
N THR A 240 12.78 24.75 -45.50
CA THR A 240 12.84 23.28 -45.52
C THR A 240 14.22 22.74 -45.16
N ILE A 241 15.26 22.98 -45.97
CA ILE A 241 16.58 22.38 -45.81
C ILE A 241 17.56 23.07 -46.75
N ASN A 242 18.83 23.16 -46.34
CA ASN A 242 19.92 23.53 -47.23
C ASN A 242 21.19 22.83 -46.75
N TRP A 243 21.48 21.68 -47.36
CA TRP A 243 22.65 20.87 -47.04
C TRP A 243 23.79 21.18 -48.00
N PRO A 244 25.05 21.05 -47.56
CA PRO A 244 26.20 21.26 -48.45
C PRO A 244 26.32 20.19 -49.53
N TRP A 250 25.77 13.91 -47.55
CA TRP A 250 25.50 14.66 -48.78
C TRP A 250 24.12 15.32 -48.71
N TYR A 251 23.37 15.22 -49.80
CA TYR A 251 22.01 15.75 -49.85
C TYR A 251 21.03 14.68 -50.30
N THR A 252 21.49 13.77 -51.16
CA THR A 252 20.62 12.78 -51.76
C THR A 252 20.18 11.70 -50.78
N GLY A 253 20.99 11.43 -49.75
CA GLY A 253 20.70 10.31 -48.87
C GLY A 253 20.14 10.68 -47.52
N PHE A 254 19.52 11.86 -47.41
CA PHE A 254 18.84 12.18 -46.16
C PHE A 254 17.49 11.50 -46.08
N ILE A 255 16.79 11.36 -47.21
CA ILE A 255 15.54 10.62 -47.18
C ILE A 255 15.79 9.13 -47.00
N ILE A 256 16.98 8.64 -47.34
CA ILE A 256 17.37 7.29 -46.97
C ILE A 256 17.48 7.19 -45.45
N TYR A 257 17.98 8.23 -44.81
CA TYR A 257 18.15 8.24 -43.36
C TYR A 257 16.82 8.34 -42.61
N THR A 258 15.88 9.14 -43.11
CA THR A 258 14.56 9.18 -42.48
C THR A 258 13.73 7.93 -42.78
N PHE A 259 14.09 7.14 -43.80
CA PHE A 259 13.35 5.93 -44.12
C PHE A 259 13.99 4.67 -43.54
N ILE A 260 15.32 4.53 -43.61
CA ILE A 260 15.96 3.34 -43.05
C ILE A 260 16.09 3.40 -41.54
N LEU A 261 15.63 4.48 -40.90
CA LEU A 261 15.61 4.58 -39.46
C LEU A 261 14.26 5.04 -38.93
N GLY A 262 13.38 5.54 -39.78
CA GLY A 262 12.06 5.98 -39.34
C GLY A 262 10.94 5.23 -40.01
N PHE A 263 11.25 4.32 -40.93
CA PHE A 263 10.19 3.48 -41.49
C PHE A 263 10.55 2.01 -41.63
N LEU A 264 11.81 1.63 -41.73
CA LEU A 264 12.14 0.21 -41.80
C LEU A 264 12.81 -0.33 -40.57
N VAL A 265 13.20 0.52 -39.62
CA VAL A 265 13.57 0.02 -38.30
C VAL A 265 12.34 -0.14 -37.42
N PRO A 266 11.36 0.79 -37.36
CA PRO A 266 10.15 0.45 -36.58
C PRO A 266 9.27 -0.63 -37.19
N LEU A 267 9.07 -0.64 -38.51
CA LEU A 267 8.11 -1.58 -39.07
C LEU A 267 8.66 -3.00 -39.09
N THR A 268 9.98 -3.16 -39.18
CA THR A 268 10.55 -4.49 -39.04
C THR A 268 10.39 -5.01 -37.63
N ILE A 269 10.62 -4.15 -36.63
CA ILE A 269 10.49 -4.56 -35.23
C ILE A 269 9.04 -4.85 -34.88
N ILE A 270 8.12 -3.98 -35.30
CA ILE A 270 6.72 -4.08 -34.89
C ILE A 270 6.06 -5.31 -35.50
N CYS A 271 6.31 -5.57 -36.79
CA CYS A 271 5.73 -6.75 -37.42
C CYS A 271 6.33 -8.05 -36.89
N LEU A 272 7.57 -8.02 -36.42
CA LEU A 272 8.11 -9.21 -35.77
C LEU A 272 7.60 -9.35 -34.35
N CYS A 273 7.45 -8.25 -33.64
CA CYS A 273 6.95 -8.29 -32.28
C CYS A 273 5.45 -8.32 -32.20
N TYR A 274 4.77 -8.51 -33.32
CA TYR A 274 3.35 -8.79 -33.34
C TYR A 274 3.00 -10.07 -34.04
N LEU A 275 3.84 -10.59 -34.92
CA LEU A 275 3.62 -11.93 -35.44
C LEU A 275 3.98 -12.99 -34.41
N PHE A 276 4.94 -12.70 -33.53
CA PHE A 276 5.26 -13.63 -32.46
C PHE A 276 4.23 -13.60 -31.33
N ILE A 277 3.43 -12.54 -31.24
CA ILE A 277 2.31 -12.53 -30.30
C ILE A 277 1.19 -13.43 -30.83
N ILE A 278 1.04 -13.50 -32.15
CA ILE A 278 0.04 -14.39 -32.75
C ILE A 278 0.42 -15.85 -32.51
N ILE A 279 1.72 -16.16 -32.57
CA ILE A 279 2.12 -17.57 -32.46
C ILE A 279 2.25 -18.04 -31.02
N LYS A 280 1.77 -17.27 -30.05
CA LYS A 280 1.62 -17.79 -28.70
C LYS A 280 0.22 -17.60 -28.11
N VAL A 281 -0.58 -16.66 -28.62
CA VAL A 281 -1.98 -16.66 -28.22
C VAL A 281 -2.73 -17.81 -28.90
N LYS A 282 -2.28 -18.25 -30.07
CA LYS A 282 -2.83 -19.41 -30.74
C LYS A 282 -1.99 -20.67 -30.51
N SER A 283 -1.15 -20.69 -29.47
CA SER A 283 -0.34 -21.84 -29.13
C SER A 283 -0.46 -22.23 -27.66
N SER A 284 -0.60 -21.26 -26.75
CA SER A 284 -0.82 -21.60 -25.35
C SER A 284 -2.21 -22.16 -25.14
N GLY A 285 -3.16 -21.80 -25.99
CA GLY A 285 -4.44 -22.45 -26.02
C GLY A 285 -4.59 -23.47 -27.13
N ILE A 286 -3.49 -24.03 -27.65
CA ILE A 286 -3.54 -25.05 -28.68
C ILE A 286 -2.72 -26.28 -28.30
N ARG A 287 -1.42 -26.09 -28.06
CA ARG A 287 -0.50 -27.22 -27.82
C ARG A 287 -0.59 -27.69 -26.38
N VAL A 288 -0.23 -26.80 -25.44
CA VAL A 288 -0.40 -27.07 -24.01
C VAL A 288 -1.87 -26.85 -23.68
N GLY A 289 -2.27 -27.19 -22.43
CA GLY A 289 -3.64 -27.34 -21.97
C GLY A 289 -4.65 -26.29 -22.40
N SER A 290 -5.61 -26.74 -23.20
CA SER A 290 -6.32 -25.91 -24.16
C SER A 290 -7.82 -26.03 -24.00
N SER A 291 -8.52 -24.90 -24.16
CA SER A 291 -9.98 -24.89 -24.12
C SER A 291 -10.54 -24.59 -25.50
N LYS A 292 -11.85 -24.42 -25.58
CA LYS A 292 -12.52 -24.07 -26.84
C LYS A 292 -12.47 -22.59 -27.15
N ARG A 293 -11.89 -21.78 -26.26
CA ARG A 293 -11.79 -20.34 -26.50
C ARG A 293 -10.51 -19.97 -27.25
N LYS A 294 -9.98 -20.86 -28.08
CA LYS A 294 -8.89 -20.55 -28.99
C LYS A 294 -9.38 -19.75 -30.21
N LYS A 295 -10.69 -19.49 -30.28
CA LYS A 295 -11.25 -18.52 -31.21
C LYS A 295 -10.81 -17.10 -30.89
N SER A 296 -10.33 -16.83 -29.68
CA SER A 296 -9.83 -15.54 -29.24
C SER A 296 -8.53 -15.14 -29.94
N GLU A 297 -7.87 -16.05 -30.67
CA GLU A 297 -6.76 -15.65 -31.52
C GLU A 297 -7.24 -14.79 -32.67
N LYS A 298 -8.47 -15.02 -33.14
CA LYS A 298 -9.07 -14.16 -34.15
C LYS A 298 -9.48 -12.80 -33.61
N LYS A 299 -9.54 -12.63 -32.29
CA LYS A 299 -9.71 -11.32 -31.68
C LYS A 299 -8.39 -10.56 -31.65
N VAL A 300 -7.29 -11.26 -31.37
CA VAL A 300 -5.99 -10.61 -31.31
C VAL A 300 -5.53 -10.20 -32.71
N THR A 301 -5.63 -11.10 -33.69
CA THR A 301 -5.14 -10.84 -35.03
C THR A 301 -5.99 -9.83 -35.80
N ARG A 302 -7.14 -9.43 -35.28
CA ARG A 302 -7.90 -8.36 -35.92
C ARG A 302 -7.39 -7.00 -35.48
N MET A 303 -7.23 -6.81 -34.17
CA MET A 303 -6.79 -5.51 -33.65
C MET A 303 -5.28 -5.36 -33.62
N VAL A 304 -4.53 -6.19 -34.35
CA VAL A 304 -3.09 -6.10 -34.37
C VAL A 304 -2.65 -5.98 -35.83
N SER A 305 -3.58 -6.26 -36.74
CA SER A 305 -3.33 -5.95 -38.14
C SER A 305 -3.82 -4.55 -38.49
N ILE A 306 -4.61 -3.95 -37.60
CA ILE A 306 -4.95 -2.54 -37.73
C ILE A 306 -3.68 -1.69 -37.57
N VAL A 307 -2.84 -2.05 -36.60
CA VAL A 307 -1.81 -1.13 -36.12
C VAL A 307 -0.65 -1.06 -37.11
N VAL A 308 -0.61 -1.99 -38.07
CA VAL A 308 0.37 -1.85 -39.14
C VAL A 308 -0.31 -1.28 -40.38
N ALA A 309 -1.60 -1.54 -40.56
CA ALA A 309 -2.32 -0.92 -41.66
C ALA A 309 -2.55 0.56 -41.41
N VAL A 310 -2.71 0.98 -40.16
CA VAL A 310 -2.75 2.40 -39.85
C VAL A 310 -1.36 3.01 -40.02
N PHE A 311 -0.32 2.26 -39.63
CA PHE A 311 1.04 2.77 -39.68
C PHE A 311 1.57 2.86 -41.10
N ILE A 312 1.27 1.87 -41.94
CA ILE A 312 1.81 1.88 -43.29
C ILE A 312 0.98 2.73 -44.24
N PHE A 313 -0.25 3.09 -43.87
CA PHE A 313 -1.01 4.00 -44.70
C PHE A 313 -0.63 5.45 -44.45
N CYS A 314 0.02 5.74 -43.32
CA CYS A 314 0.35 7.11 -42.96
C CYS A 314 1.83 7.43 -43.09
N TRP A 315 2.67 6.48 -43.48
CA TRP A 315 4.09 6.79 -43.59
C TRP A 315 4.67 6.36 -44.92
N LEU A 316 4.14 5.30 -45.53
CA LEU A 316 4.73 4.78 -46.77
C LEU A 316 4.61 5.70 -47.99
N PRO A 317 3.47 6.35 -48.32
CA PRO A 317 3.48 7.21 -49.51
C PRO A 317 4.20 8.53 -49.31
N PHE A 318 4.57 8.88 -48.07
CA PHE A 318 5.38 10.06 -47.84
C PHE A 318 6.80 9.85 -48.32
N TYR A 319 7.41 8.72 -47.93
CA TYR A 319 8.74 8.39 -48.42
C TYR A 319 8.72 7.91 -49.86
N ILE A 320 7.59 7.41 -50.35
CA ILE A 320 7.47 7.03 -51.74
C ILE A 320 7.46 8.25 -52.64
N PHE A 321 6.93 9.37 -52.14
CA PHE A 321 6.97 10.60 -52.91
C PHE A 321 8.36 11.22 -52.89
N ASN A 322 9.13 11.01 -51.82
CA ASN A 322 10.45 11.61 -51.73
C ASN A 322 11.50 10.86 -52.53
N VAL A 323 11.36 9.54 -52.68
CA VAL A 323 12.34 8.80 -53.47
C VAL A 323 12.13 9.06 -54.95
N SER A 324 10.94 9.49 -55.35
CA SER A 324 10.76 10.03 -56.70
C SER A 324 11.41 11.39 -56.83
N SER A 325 11.53 12.15 -55.74
CA SER A 325 12.19 13.44 -55.78
C SER A 325 13.71 13.29 -55.84
N VAL A 326 14.26 12.21 -55.29
CA VAL A 326 15.69 11.98 -55.43
C VAL A 326 15.99 11.24 -56.73
N SER A 327 14.97 10.72 -57.40
CA SER A 327 15.11 10.05 -58.69
C SER A 327 15.18 11.05 -59.83
N MET A 328 14.99 10.57 -61.06
CA MET A 328 14.87 11.44 -62.22
C MET A 328 13.68 12.36 -62.06
N ALA A 329 13.90 13.65 -62.35
CA ALA A 329 12.96 14.71 -61.96
C ALA A 329 11.67 14.63 -62.76
N ILE A 330 10.55 14.55 -62.05
CA ILE A 330 9.23 14.58 -62.66
C ILE A 330 8.86 16.02 -62.96
N SER A 331 7.80 16.22 -63.72
CA SER A 331 7.36 17.57 -64.06
C SER A 331 6.73 18.23 -62.84
N PRO A 332 7.00 19.52 -62.59
CA PRO A 332 6.36 20.21 -61.46
C PRO A 332 4.89 20.50 -61.71
N THR A 333 4.06 19.47 -61.59
CA THR A 333 2.64 19.58 -61.84
C THR A 333 1.98 20.33 -60.68
N PRO A 334 0.95 21.14 -60.96
CA PRO A 334 0.14 21.71 -59.87
C PRO A 334 -0.66 20.67 -59.09
N ALA A 335 -0.81 19.44 -59.60
CA ALA A 335 -1.30 18.34 -58.79
C ALA A 335 -0.23 17.82 -57.83
N LEU A 336 1.06 17.95 -58.17
CA LEU A 336 2.12 17.63 -57.22
C LEU A 336 2.20 18.63 -56.09
N LYS A 337 1.65 19.83 -56.25
CA LYS A 337 1.41 20.72 -55.12
C LYS A 337 0.11 20.41 -54.39
N GLY A 338 -0.64 19.42 -54.85
CA GLY A 338 -1.85 19.00 -54.19
C GLY A 338 -1.79 17.58 -53.69
N MET A 339 -0.84 16.80 -54.24
CA MET A 339 -0.66 15.41 -53.83
C MET A 339 0.59 15.17 -53.01
N PHE A 340 1.50 16.13 -52.92
CA PHE A 340 2.57 16.04 -51.94
C PHE A 340 2.19 16.76 -50.64
N ASP A 341 1.44 17.86 -50.75
CA ASP A 341 1.01 18.56 -49.54
C ASP A 341 -0.06 17.79 -48.79
N PHE A 342 -0.79 16.90 -49.47
CA PHE A 342 -1.78 16.07 -48.80
C PHE A 342 -1.16 14.83 -48.15
N VAL A 343 -0.03 14.36 -48.68
CA VAL A 343 0.63 13.20 -48.09
C VAL A 343 1.57 13.62 -46.96
N VAL A 344 1.94 14.90 -46.87
CA VAL A 344 2.69 15.39 -45.72
C VAL A 344 1.81 15.41 -44.49
N VAL A 345 0.57 15.89 -44.63
CA VAL A 345 -0.36 15.95 -43.51
C VAL A 345 -0.96 14.58 -43.21
N LEU A 346 -0.76 13.61 -44.10
CA LEU A 346 -1.19 12.25 -43.80
C LEU A 346 -0.27 11.61 -42.77
N THR A 347 0.98 12.08 -42.68
CA THR A 347 1.90 11.61 -41.66
C THR A 347 1.53 12.10 -40.27
N TYR A 348 0.80 13.21 -40.18
CA TYR A 348 0.32 13.70 -38.90
C TYR A 348 -1.01 13.07 -38.50
N ALA A 349 -1.52 12.16 -39.32
CA ALA A 349 -2.69 11.38 -38.95
C ALA A 349 -2.34 10.11 -38.22
N ASN A 350 -1.10 9.61 -38.36
CA ASN A 350 -0.64 8.51 -37.52
C ASN A 350 -0.57 8.94 -36.07
N SER A 351 -0.07 10.14 -35.80
CA SER A 351 -0.03 10.64 -34.45
C SER A 351 -1.39 11.09 -33.94
N CYS A 352 -2.39 11.13 -34.80
CA CYS A 352 -3.77 11.31 -34.38
C CYS A 352 -4.45 10.00 -34.03
N ALA A 353 -3.95 8.88 -34.54
CA ALA A 353 -4.60 7.58 -34.34
C ALA A 353 -4.09 6.86 -33.10
N ASN A 354 -2.86 7.12 -32.66
CA ASN A 354 -2.34 6.46 -31.47
C ASN A 354 -3.07 6.75 -30.15
N PRO A 355 -3.72 7.90 -29.92
CA PRO A 355 -4.66 7.96 -28.80
C PRO A 355 -5.93 7.13 -29.01
N ILE A 356 -6.32 6.88 -30.25
CA ILE A 356 -7.46 6.03 -30.55
C ILE A 356 -7.08 4.55 -30.49
N LEU A 357 -5.94 4.21 -31.07
CA LEU A 357 -5.55 2.83 -31.35
C LEU A 357 -4.74 2.19 -30.24
N TYR A 358 -3.74 2.88 -29.69
CA TYR A 358 -2.87 2.29 -28.69
C TYR A 358 -3.35 2.52 -27.27
N ALA A 359 -4.33 3.40 -27.06
CA ALA A 359 -4.83 3.71 -25.72
C ALA A 359 -6.30 3.36 -25.56
N PHE A 360 -7.17 3.82 -26.47
CA PHE A 360 -8.59 3.58 -26.30
C PHE A 360 -9.03 2.26 -26.92
N LEU A 361 -8.29 1.19 -26.62
CA LEU A 361 -8.73 -0.18 -26.81
C LEU A 361 -8.46 -0.93 -25.52
N SER A 362 -7.40 -0.51 -24.83
CA SER A 362 -6.95 -1.12 -23.58
C SER A 362 -8.01 -0.97 -22.49
N ASP A 363 -8.50 -2.10 -21.99
CA ASP A 363 -9.70 -2.12 -21.17
C ASP A 363 -9.47 -1.49 -19.80
N ASN A 364 -8.23 -1.48 -19.33
CA ASN A 364 -7.90 -0.78 -18.09
C ASN A 364 -7.97 0.73 -18.32
N PHE A 365 -7.58 1.17 -19.51
CA PHE A 365 -7.75 2.58 -19.86
C PHE A 365 -9.15 2.86 -20.40
N LYS A 366 -9.82 1.84 -20.95
CA LYS A 366 -11.18 2.04 -21.40
C LYS A 366 -12.14 2.16 -20.22
N LYS A 367 -11.94 1.36 -19.18
CA LYS A 367 -12.73 1.51 -17.96
C LYS A 367 -12.35 2.75 -17.17
N SER A 368 -11.12 3.25 -17.34
CA SER A 368 -10.74 4.51 -16.72
C SER A 368 -11.40 5.70 -17.41
N PHE A 369 -11.44 5.66 -18.74
CA PHE A 369 -12.08 6.75 -19.49
C PHE A 369 -13.60 6.67 -19.41
N GLN A 370 -14.15 5.46 -19.19
CA GLN A 370 -15.59 5.34 -19.00
C GLN A 370 -16.02 5.91 -17.66
N ASN A 371 -15.17 5.80 -16.65
CA ASN A 371 -15.44 6.43 -15.37
C ASN A 371 -15.16 7.93 -15.44
N VAL A 372 -14.01 8.31 -15.98
CA VAL A 372 -13.60 9.69 -16.05
C VAL A 372 -13.64 10.20 -17.48
N SER B 6 15.92 20.19 9.93
CA SER B 6 16.80 19.91 11.06
C SER B 6 17.76 18.77 10.77
N ALA B 7 18.74 18.58 11.66
CA ALA B 7 19.76 17.57 11.43
C ALA B 7 19.22 16.18 11.70
N GLU B 8 18.50 16.01 12.80
CA GLU B 8 17.90 14.73 13.12
C GLU B 8 16.66 14.46 12.29
N ASP B 9 15.95 15.50 11.87
CA ASP B 9 14.83 15.33 10.96
C ASP B 9 15.27 15.01 9.54
N LYS B 10 16.53 15.28 9.21
CA LYS B 10 17.07 14.87 7.92
C LYS B 10 17.54 13.43 7.92
N ALA B 11 17.74 12.84 9.08
CA ALA B 11 18.10 11.44 9.20
C ALA B 11 16.92 10.56 9.46
N ALA B 12 15.76 11.15 9.73
CA ALA B 12 14.49 10.44 9.78
C ALA B 12 13.84 10.38 8.41
N VAL B 13 14.01 11.44 7.61
CA VAL B 13 13.62 11.42 6.20
C VAL B 13 14.51 10.46 5.42
N GLU B 14 15.78 10.43 5.74
CA GLU B 14 16.73 9.56 5.06
C GLU B 14 16.50 8.10 5.38
N ARG B 15 15.86 7.81 6.51
CA ARG B 15 15.51 6.47 6.95
C ARG B 15 14.23 5.99 6.31
N SER B 16 13.25 6.89 6.15
CA SER B 16 11.97 6.54 5.55
C SER B 16 12.06 6.20 4.08
N LYS B 17 13.08 6.66 3.38
CA LYS B 17 13.27 6.22 2.01
C LYS B 17 14.21 5.05 1.93
N MET B 18 14.73 4.58 3.05
CA MET B 18 15.24 3.23 3.13
C MET B 18 14.14 2.26 3.45
N ILE B 19 13.11 2.72 4.16
CA ILE B 19 11.89 1.94 4.32
C ILE B 19 11.18 1.84 2.98
N ASP B 20 11.11 2.95 2.24
CA ASP B 20 10.38 3.02 0.99
C ASP B 20 10.97 2.16 -0.09
N ARG B 21 12.30 2.10 -0.17
CA ARG B 21 12.87 1.29 -1.22
C ARG B 21 12.99 -0.17 -0.84
N ASN B 22 12.51 -0.54 0.34
CA ASN B 22 12.33 -1.93 0.69
C ASN B 22 10.89 -2.38 0.65
N LEU B 23 9.94 -1.46 0.76
CA LEU B 23 8.56 -1.77 0.45
C LEU B 23 8.31 -1.83 -1.05
N ARG B 24 9.21 -1.27 -1.83
CA ARG B 24 9.13 -1.35 -3.28
C ARG B 24 9.85 -2.58 -3.81
N GLU B 25 10.99 -2.92 -3.25
CA GLU B 25 11.69 -4.16 -3.54
C GLU B 25 10.91 -5.39 -3.10
N ASP B 26 10.12 -5.29 -2.04
CA ASP B 26 9.23 -6.34 -1.57
C ASP B 26 7.83 -5.92 -1.99
N GLY B 27 7.40 -6.37 -3.16
CA GLY B 27 6.17 -5.89 -3.74
C GLY B 27 6.34 -5.83 -5.24
N GLU B 28 7.59 -5.94 -5.66
CA GLU B 28 7.94 -6.30 -7.02
C GLU B 28 8.62 -7.66 -7.06
N LYS B 29 8.91 -8.25 -5.91
CA LYS B 29 9.20 -9.67 -5.79
C LYS B 29 7.97 -10.46 -5.39
N ALA B 30 6.85 -9.77 -5.15
CA ALA B 30 5.59 -10.41 -4.82
C ALA B 30 4.48 -10.04 -5.80
N ALA B 31 4.85 -9.51 -6.96
CA ALA B 31 4.00 -9.49 -8.13
C ALA B 31 4.44 -10.53 -9.15
N ARG B 32 5.61 -11.11 -8.96
CA ARG B 32 6.09 -12.23 -9.75
C ARG B 32 5.67 -13.57 -9.17
N GLU B 33 4.75 -13.57 -8.23
CA GLU B 33 4.28 -14.80 -7.62
C GLU B 33 2.85 -15.07 -8.04
N VAL B 34 2.54 -16.35 -8.17
CA VAL B 34 1.23 -16.80 -8.60
C VAL B 34 0.43 -17.20 -7.37
N LYS B 35 -0.67 -16.50 -7.13
CA LYS B 35 -1.54 -16.78 -6.01
C LYS B 35 -2.68 -17.66 -6.49
N LEU B 36 -3.03 -18.68 -5.72
CA LEU B 36 -4.03 -19.66 -6.13
C LEU B 36 -4.87 -20.07 -4.95
N LEU B 37 -6.13 -19.66 -4.93
CA LEU B 37 -7.08 -20.27 -4.02
C LEU B 37 -7.26 -21.76 -4.30
N LEU B 38 -7.45 -22.53 -3.24
CA LEU B 38 -7.79 -23.95 -3.37
C LEU B 38 -9.10 -24.15 -2.63
N LEU B 39 -10.18 -24.30 -3.39
CA LEU B 39 -11.49 -24.58 -2.84
C LEU B 39 -11.88 -26.03 -3.14
N GLY B 40 -13.09 -26.39 -2.78
CA GLY B 40 -13.53 -27.76 -2.95
C GLY B 40 -14.68 -28.06 -2.02
N ALA B 41 -15.12 -29.31 -2.07
CA ALA B 41 -16.29 -29.74 -1.32
C ALA B 41 -15.96 -30.28 0.07
N GLY B 42 -14.69 -30.52 0.38
CA GLY B 42 -14.34 -31.16 1.63
C GLY B 42 -13.39 -32.32 1.42
N GLU B 43 -13.87 -33.53 1.66
CA GLU B 43 -13.15 -34.75 1.32
C GLU B 43 -13.29 -34.99 -0.18
N SER B 44 -12.54 -34.19 -0.95
CA SER B 44 -12.68 -34.14 -2.40
C SER B 44 -11.34 -34.21 -3.11
N GLY B 45 -10.31 -34.74 -2.44
CA GLY B 45 -9.00 -34.85 -3.03
C GLY B 45 -8.14 -33.61 -2.94
N LYS B 46 -8.56 -32.60 -2.16
CA LYS B 46 -7.71 -31.44 -1.92
C LYS B 46 -6.43 -31.84 -1.21
N ASN B 47 -6.53 -32.76 -0.24
CA ASN B 47 -5.37 -33.25 0.48
C ASN B 47 -4.42 -34.06 -0.40
N THR B 48 -4.93 -34.64 -1.50
CA THR B 48 -4.07 -35.39 -2.40
C THR B 48 -3.17 -34.46 -3.21
N ILE B 49 -3.76 -33.43 -3.82
CA ILE B 49 -3.00 -32.60 -4.76
C ILE B 49 -2.08 -31.61 -4.06
N VAL B 50 -2.28 -31.35 -2.76
CA VAL B 50 -1.28 -30.61 -2.01
C VAL B 50 -0.03 -31.47 -1.82
N LYS B 51 -0.23 -32.77 -1.57
CA LYS B 51 0.89 -33.70 -1.47
C LYS B 51 1.62 -33.84 -2.80
N GLN B 52 0.91 -33.68 -3.92
CA GLN B 52 1.57 -33.60 -5.22
C GLN B 52 2.32 -32.29 -5.36
N MET B 53 1.60 -31.17 -5.29
CA MET B 53 2.18 -29.84 -5.47
C MET B 53 2.81 -29.38 -4.16
N LYS B 54 4.04 -29.83 -3.93
CA LYS B 54 4.79 -29.45 -2.73
C LYS B 54 6.29 -29.52 -2.99
N THR B 182 -3.49 -22.86 11.74
CA THR B 182 -4.74 -23.61 11.71
C THR B 182 -5.77 -22.97 10.77
N GLY B 183 -5.48 -21.76 10.30
CA GLY B 183 -6.43 -21.03 9.49
C GLY B 183 -6.19 -21.24 8.01
N ILE B 184 -5.71 -20.21 7.33
CA ILE B 184 -5.09 -20.41 6.02
C ILE B 184 -3.94 -21.37 6.17
N VAL B 185 -3.76 -22.22 5.18
CA VAL B 185 -2.53 -22.98 5.06
C VAL B 185 -1.89 -22.56 3.76
N GLU B 186 -1.06 -21.53 3.79
CA GLU B 186 -0.40 -21.08 2.58
C GLU B 186 0.71 -22.06 2.23
N THR B 187 0.51 -22.80 1.14
CA THR B 187 1.48 -23.75 0.62
C THR B 187 2.21 -23.10 -0.55
N HIS B 188 3.52 -23.08 -0.49
CA HIS B 188 4.34 -22.43 -1.51
C HIS B 188 5.16 -23.52 -2.19
N PHE B 189 4.95 -23.71 -3.50
CA PHE B 189 5.49 -24.86 -4.20
C PHE B 189 6.17 -24.47 -5.50
N THR B 190 6.99 -23.43 -5.47
CA THR B 190 7.67 -22.84 -6.63
C THR B 190 8.48 -23.88 -7.43
N PHE B 191 8.03 -24.23 -8.65
CA PHE B 191 8.66 -25.43 -9.18
C PHE B 191 9.33 -25.24 -10.54
N LYS B 192 8.74 -24.51 -11.48
CA LYS B 192 9.38 -24.32 -12.77
C LYS B 192 9.49 -22.84 -13.04
N ASP B 193 10.51 -22.21 -12.44
CA ASP B 193 10.88 -20.80 -12.58
C ASP B 193 9.73 -19.83 -12.24
N LEU B 194 8.68 -20.28 -11.58
CA LEU B 194 7.49 -19.48 -11.34
C LEU B 194 6.97 -19.81 -9.96
N HIS B 195 6.87 -18.80 -9.11
CA HIS B 195 6.66 -19.04 -7.68
C HIS B 195 5.18 -19.06 -7.35
N PHE B 196 4.69 -20.20 -6.89
CA PHE B 196 3.28 -20.41 -6.64
C PHE B 196 3.02 -20.26 -5.16
N LYS B 197 1.91 -19.62 -4.82
CA LYS B 197 1.39 -19.63 -3.47
C LYS B 197 -0.01 -20.20 -3.51
N MET B 198 -0.25 -21.30 -2.80
CA MET B 198 -1.54 -21.97 -2.80
C MET B 198 -2.13 -21.86 -1.40
N PHE B 199 -3.31 -21.29 -1.28
CA PHE B 199 -3.92 -20.98 0.01
C PHE B 199 -5.11 -21.90 0.22
N ASP B 200 -4.95 -22.89 1.09
CA ASP B 200 -6.02 -23.83 1.40
C ASP B 200 -6.85 -23.28 2.56
N VAL B 201 -8.00 -22.69 2.24
CA VAL B 201 -8.95 -22.29 3.29
C VAL B 201 -9.88 -23.47 3.50
N GLY B 202 -9.40 -24.45 4.26
CA GLY B 202 -10.17 -25.64 4.49
C GLY B 202 -10.91 -25.60 5.81
N ALA B 203 -10.20 -25.27 6.87
CA ALA B 203 -10.77 -25.26 8.21
C ALA B 203 -11.38 -23.91 8.60
N GLN B 204 -11.77 -23.10 7.63
CA GLN B 204 -12.43 -21.84 7.94
C GLN B 204 -13.94 -22.07 8.00
N ARG B 205 -14.37 -22.73 9.08
CA ARG B 205 -15.79 -22.93 9.35
C ARG B 205 -16.36 -21.60 9.82
N SER B 206 -16.74 -20.78 8.84
CA SER B 206 -17.21 -19.42 9.04
C SER B 206 -17.88 -19.01 7.74
N GLU B 207 -18.45 -17.80 7.72
CA GLU B 207 -19.15 -17.34 6.53
C GLU B 207 -18.13 -17.01 5.44
N ARG B 208 -18.26 -17.69 4.30
CA ARG B 208 -17.28 -17.55 3.23
C ARG B 208 -17.36 -16.18 2.58
N LYS B 209 -18.54 -15.56 2.56
CA LYS B 209 -18.72 -14.25 1.94
C LYS B 209 -18.04 -13.13 2.71
N LYS B 210 -17.52 -13.41 3.90
CA LYS B 210 -16.91 -12.39 4.73
C LYS B 210 -15.40 -12.32 4.59
N TRP B 211 -14.77 -13.34 4.04
CA TRP B 211 -13.33 -13.31 3.84
C TRP B 211 -12.92 -13.67 2.42
N ILE B 212 -13.88 -13.86 1.50
CA ILE B 212 -13.52 -14.29 0.16
C ILE B 212 -12.98 -13.14 -0.68
N HIS B 213 -13.25 -11.89 -0.29
CA HIS B 213 -12.78 -10.75 -1.05
C HIS B 213 -11.29 -10.50 -0.90
N CYS B 214 -10.65 -11.15 0.08
CA CYS B 214 -9.20 -11.05 0.22
C CYS B 214 -8.49 -11.67 -0.96
N PHE B 215 -9.12 -12.65 -1.60
CA PHE B 215 -8.53 -13.35 -2.74
C PHE B 215 -9.02 -12.79 -4.06
N GLU B 216 -9.29 -11.49 -4.12
CA GLU B 216 -9.84 -10.92 -5.34
C GLU B 216 -8.80 -10.85 -6.43
N GLY B 217 -7.64 -10.31 -6.13
CA GLY B 217 -6.60 -10.40 -7.13
C GLY B 217 -5.85 -11.69 -6.93
N VAL B 218 -6.28 -12.73 -7.62
CA VAL B 218 -5.69 -14.04 -7.49
C VAL B 218 -5.60 -14.53 -8.93
N THR B 219 -4.58 -15.35 -9.21
CA THR B 219 -4.35 -15.71 -10.60
C THR B 219 -5.40 -16.70 -11.09
N ALA B 220 -5.48 -17.86 -10.46
CA ALA B 220 -6.55 -18.78 -10.77
C ALA B 220 -7.21 -19.24 -9.48
N ILE B 221 -8.06 -20.24 -9.58
CA ILE B 221 -8.70 -20.88 -8.43
C ILE B 221 -8.70 -22.36 -8.74
N ILE B 222 -8.07 -23.15 -7.90
CA ILE B 222 -8.05 -24.59 -8.13
C ILE B 222 -9.22 -25.20 -7.36
N PHE B 223 -10.09 -25.91 -8.07
CA PHE B 223 -11.31 -26.45 -7.51
C PHE B 223 -11.31 -27.95 -7.70
N CYS B 224 -11.50 -28.69 -6.62
CA CYS B 224 -11.54 -30.14 -6.69
C CYS B 224 -12.97 -30.63 -6.53
N VAL B 225 -13.32 -31.62 -7.33
CA VAL B 225 -14.63 -32.26 -7.26
C VAL B 225 -14.38 -33.76 -7.31
N ALA B 226 -14.99 -34.51 -6.40
CA ALA B 226 -14.85 -35.95 -6.38
C ALA B 226 -15.76 -36.56 -7.43
N LEU B 227 -15.17 -37.29 -8.38
CA LEU B 227 -15.95 -38.03 -9.36
C LEU B 227 -16.67 -39.21 -8.73
N SER B 228 -16.12 -39.80 -7.67
CA SER B 228 -16.70 -40.95 -7.00
C SER B 228 -17.84 -40.58 -6.07
N ASP B 229 -18.13 -39.29 -5.93
CA ASP B 229 -19.25 -38.83 -5.13
C ASP B 229 -20.45 -38.55 -6.04
N TYR B 230 -20.59 -39.33 -7.11
CA TYR B 230 -21.74 -39.21 -8.00
C TYR B 230 -22.99 -39.81 -7.37
N ASP B 231 -22.97 -41.11 -7.12
CA ASP B 231 -24.06 -41.77 -6.42
C ASP B 231 -23.81 -41.91 -4.93
N LEU B 232 -22.63 -41.54 -4.46
CA LEU B 232 -22.33 -41.52 -3.02
C LEU B 232 -23.05 -40.34 -2.38
N VAL B 233 -23.91 -40.64 -1.41
CA VAL B 233 -24.68 -39.60 -0.75
C VAL B 233 -23.79 -38.83 0.22
N LEU B 234 -24.15 -37.58 0.47
CA LEU B 234 -23.52 -36.80 1.52
C LEU B 234 -24.09 -37.22 2.87
N ALA B 235 -23.30 -37.04 3.92
CA ALA B 235 -23.65 -37.49 5.25
C ALA B 235 -24.46 -36.48 6.04
N GLU B 236 -24.86 -35.36 5.42
CA GLU B 236 -25.56 -34.32 6.15
C GLU B 236 -27.02 -34.64 6.39
N ASP B 237 -27.81 -34.74 5.32
CA ASP B 237 -29.26 -34.87 5.48
C ASP B 237 -29.90 -35.80 4.46
N GLU B 238 -29.08 -36.63 3.79
CA GLU B 238 -29.49 -37.48 2.67
C GLU B 238 -30.14 -36.65 1.56
N GLU B 239 -29.51 -35.53 1.23
CA GLU B 239 -29.93 -34.66 0.13
C GLU B 239 -29.39 -35.23 -1.19
N MET B 240 -29.35 -34.39 -2.23
CA MET B 240 -28.76 -34.76 -3.51
C MET B 240 -27.29 -35.14 -3.33
N ASN B 241 -26.89 -36.23 -3.96
CA ASN B 241 -25.78 -37.05 -3.48
C ASN B 241 -24.42 -36.43 -3.75
N ARG B 242 -24.03 -35.44 -2.94
CA ARG B 242 -22.65 -35.00 -2.72
C ARG B 242 -21.91 -34.46 -3.95
N MET B 243 -22.58 -34.38 -5.10
CA MET B 243 -22.03 -33.69 -6.26
C MET B 243 -22.92 -32.57 -6.73
N HIS B 244 -24.20 -32.58 -6.38
CA HIS B 244 -24.98 -31.36 -6.45
C HIS B 244 -24.66 -30.40 -5.31
N GLU B 245 -23.94 -30.87 -4.28
CA GLU B 245 -23.34 -29.99 -3.30
C GLU B 245 -22.01 -29.42 -3.78
N SER B 246 -21.26 -30.18 -4.60
CA SER B 246 -20.11 -29.62 -5.27
C SER B 246 -20.54 -28.63 -6.35
N MET B 247 -21.58 -28.98 -7.12
CA MET B 247 -22.04 -28.10 -8.18
C MET B 247 -22.70 -26.84 -7.63
N LYS B 248 -23.27 -26.93 -6.44
CA LYS B 248 -23.80 -25.74 -5.78
C LYS B 248 -22.66 -24.82 -5.36
N LEU B 249 -21.49 -25.38 -5.05
CA LEU B 249 -20.38 -24.56 -4.61
C LEU B 249 -19.67 -23.94 -5.81
N PHE B 250 -19.61 -24.68 -6.92
CA PHE B 250 -18.98 -24.20 -8.14
C PHE B 250 -19.74 -23.02 -8.72
N ASP B 251 -21.07 -23.09 -8.70
CA ASP B 251 -21.91 -21.97 -9.11
C ASP B 251 -21.76 -20.76 -8.18
N SER B 252 -21.33 -20.98 -6.94
CA SER B 252 -21.10 -19.89 -6.01
C SER B 252 -19.69 -19.31 -6.14
N ILE B 253 -18.79 -20.00 -6.83
CA ILE B 253 -17.42 -19.55 -7.00
C ILE B 253 -17.19 -18.98 -8.39
N CYS B 254 -17.83 -19.57 -9.41
CA CYS B 254 -17.79 -19.00 -10.76
C CYS B 254 -18.44 -17.62 -10.81
N ASN B 255 -19.70 -17.54 -10.39
CA ASN B 255 -20.50 -16.34 -10.55
C ASN B 255 -20.31 -15.36 -9.40
N ASN B 256 -19.30 -15.56 -8.57
CA ASN B 256 -19.02 -14.63 -7.49
C ASN B 256 -18.42 -13.35 -8.06
N LYS B 257 -18.84 -12.20 -7.53
CA LYS B 257 -18.50 -10.92 -8.13
C LYS B 257 -17.03 -10.55 -7.98
N TRP B 258 -16.29 -11.23 -7.11
CA TRP B 258 -14.85 -11.07 -7.03
C TRP B 258 -14.14 -11.93 -8.04
N PHE B 259 -14.81 -12.93 -8.55
CA PHE B 259 -14.24 -13.89 -9.49
C PHE B 259 -14.91 -13.73 -10.85
N THR B 260 -15.11 -12.48 -11.26
CA THR B 260 -15.69 -12.18 -12.56
C THR B 260 -14.71 -12.47 -13.67
N ASP B 261 -13.42 -12.29 -13.40
CA ASP B 261 -12.38 -12.47 -14.41
C ASP B 261 -11.20 -13.28 -13.89
N THR B 262 -11.41 -14.12 -12.88
CA THR B 262 -10.38 -15.03 -12.39
C THR B 262 -10.76 -16.41 -12.86
N SER B 263 -9.98 -16.94 -13.79
CA SER B 263 -10.37 -18.16 -14.47
C SER B 263 -10.08 -19.36 -13.58
N ILE B 264 -11.09 -20.19 -13.38
CA ILE B 264 -11.06 -21.29 -12.42
C ILE B 264 -10.44 -22.51 -13.07
N ILE B 265 -9.45 -23.10 -12.43
CA ILE B 265 -8.98 -24.43 -12.81
C ILE B 265 -9.87 -25.46 -12.12
N LEU B 266 -10.36 -26.44 -12.87
CA LEU B 266 -11.23 -27.48 -12.34
C LEU B 266 -10.45 -28.78 -12.31
N PHE B 267 -10.53 -29.49 -11.21
CA PHE B 267 -9.97 -30.82 -11.09
C PHE B 267 -11.10 -31.80 -10.84
N LEU B 268 -11.05 -32.94 -11.50
CA LEU B 268 -11.96 -34.05 -11.24
C LEU B 268 -11.13 -35.15 -10.61
N ASN B 269 -11.38 -35.43 -9.33
CA ASN B 269 -10.35 -36.02 -8.48
C ASN B 269 -10.34 -37.54 -8.51
N LYS B 270 -11.45 -38.18 -8.14
CA LYS B 270 -11.46 -39.64 -7.96
C LYS B 270 -11.84 -40.31 -9.27
N LYS B 271 -10.88 -40.33 -10.21
CA LYS B 271 -11.16 -40.88 -11.52
C LYS B 271 -11.16 -42.40 -11.50
N ASP B 272 -10.26 -43.00 -10.73
CA ASP B 272 -10.21 -44.45 -10.61
C ASP B 272 -11.39 -45.03 -9.84
N LEU B 273 -11.92 -44.30 -8.86
CA LEU B 273 -12.87 -44.89 -7.94
C LEU B 273 -14.29 -44.94 -8.51
N PHE B 274 -14.64 -44.04 -9.42
CA PHE B 274 -16.01 -44.05 -9.91
C PHE B 274 -16.18 -44.97 -11.11
N GLU B 275 -15.07 -45.32 -11.77
CA GLU B 275 -15.13 -46.29 -12.87
C GLU B 275 -15.54 -47.66 -12.36
N GLU B 276 -15.02 -48.06 -11.20
CA GLU B 276 -15.51 -49.25 -10.52
C GLU B 276 -16.93 -49.07 -10.00
N LYS B 277 -17.38 -47.83 -9.81
CA LYS B 277 -18.74 -47.56 -9.39
C LYS B 277 -19.70 -47.38 -10.56
N ILE B 278 -19.21 -46.94 -11.73
CA ILE B 278 -20.10 -46.75 -12.87
C ILE B 278 -20.40 -48.09 -13.54
N LYS B 279 -19.59 -49.11 -13.30
CA LYS B 279 -19.93 -50.45 -13.76
C LYS B 279 -21.00 -51.08 -12.88
N LYS B 280 -21.00 -50.73 -11.59
CA LYS B 280 -21.98 -51.31 -10.67
C LYS B 280 -23.31 -50.57 -10.73
N SER B 281 -23.28 -49.24 -10.78
CA SER B 281 -24.50 -48.44 -10.76
C SER B 281 -24.42 -47.35 -11.82
N PRO B 282 -25.51 -47.06 -12.52
CA PRO B 282 -25.47 -46.07 -13.59
C PRO B 282 -25.51 -44.65 -13.06
N LEU B 283 -25.20 -43.70 -13.95
CA LEU B 283 -25.15 -42.28 -13.58
C LEU B 283 -26.54 -41.69 -13.79
N THR B 284 -27.48 -42.14 -12.96
CA THR B 284 -28.84 -41.63 -12.92
C THR B 284 -29.29 -41.20 -11.54
N ILE B 285 -28.63 -41.65 -10.47
CA ILE B 285 -28.98 -41.22 -9.13
C ILE B 285 -28.61 -39.76 -8.92
N CYS B 286 -27.60 -39.28 -9.65
CA CYS B 286 -27.21 -37.88 -9.61
C CYS B 286 -27.80 -37.10 -10.78
N TYR B 287 -27.60 -37.60 -12.01
CA TYR B 287 -28.14 -36.96 -13.19
C TYR B 287 -29.12 -37.91 -13.87
N PRO B 288 -30.41 -37.85 -13.57
CA PRO B 288 -31.37 -38.77 -14.20
C PRO B 288 -31.66 -38.44 -15.66
N GLU B 289 -31.25 -37.27 -16.14
CA GLU B 289 -31.44 -36.89 -17.53
C GLU B 289 -30.24 -37.24 -18.40
N TYR B 290 -29.33 -38.09 -17.93
CA TYR B 290 -28.14 -38.42 -18.69
C TYR B 290 -28.48 -39.39 -19.82
N ALA B 291 -27.50 -39.59 -20.70
CA ALA B 291 -27.68 -40.56 -21.78
C ALA B 291 -27.59 -41.99 -21.27
N GLY B 292 -26.43 -42.35 -20.70
CA GLY B 292 -26.27 -43.68 -20.17
C GLY B 292 -24.88 -44.25 -20.39
N SER B 293 -24.82 -45.41 -21.05
CA SER B 293 -23.63 -46.03 -21.64
C SER B 293 -22.64 -46.62 -20.65
N ASN B 294 -22.79 -46.33 -19.35
CA ASN B 294 -22.07 -46.95 -18.22
C ASN B 294 -20.55 -46.94 -18.37
N THR B 295 -19.99 -46.02 -19.15
CA THR B 295 -18.61 -46.09 -19.61
C THR B 295 -17.76 -45.09 -18.84
N TYR B 296 -16.47 -45.40 -18.72
CA TYR B 296 -15.51 -44.54 -18.04
C TYR B 296 -15.38 -43.19 -18.76
N GLU B 297 -15.18 -43.23 -20.08
CA GLU B 297 -15.06 -42.00 -20.84
C GLU B 297 -16.41 -41.39 -21.23
N GLU B 298 -17.52 -42.00 -20.83
CA GLU B 298 -18.81 -41.36 -21.09
C GLU B 298 -19.05 -40.17 -20.19
N ALA B 299 -18.60 -40.25 -18.94
CA ALA B 299 -18.98 -39.28 -17.92
C ALA B 299 -18.37 -37.91 -18.16
N ALA B 300 -17.36 -37.79 -19.03
CA ALA B 300 -16.94 -36.49 -19.50
C ALA B 300 -18.06 -35.78 -20.24
N ALA B 301 -18.87 -36.53 -21.00
CA ALA B 301 -20.07 -35.99 -21.62
C ALA B 301 -21.25 -35.92 -20.67
N TYR B 302 -21.06 -36.26 -19.40
CA TYR B 302 -22.04 -35.98 -18.37
C TYR B 302 -21.51 -35.00 -17.34
N ILE B 303 -20.37 -35.30 -16.71
CA ILE B 303 -19.99 -34.60 -15.48
C ILE B 303 -19.24 -33.32 -15.78
N GLN B 304 -18.24 -33.38 -16.66
CA GLN B 304 -17.40 -32.20 -16.94
C GLN B 304 -18.20 -31.10 -17.62
N CYS B 305 -19.03 -31.46 -18.61
CA CYS B 305 -19.85 -30.47 -19.29
C CYS B 305 -20.94 -29.89 -18.41
N GLN B 306 -21.36 -30.62 -17.37
CA GLN B 306 -22.36 -30.09 -16.45
C GLN B 306 -21.77 -29.01 -15.57
N PHE B 307 -20.49 -29.14 -15.21
CA PHE B 307 -19.85 -28.13 -14.39
C PHE B 307 -19.47 -26.89 -15.18
N GLU B 308 -19.03 -27.07 -16.43
CA GLU B 308 -18.68 -25.94 -17.28
C GLU B 308 -19.91 -25.24 -17.84
N ASP B 309 -21.11 -25.79 -17.63
CA ASP B 309 -22.33 -25.08 -17.97
C ASP B 309 -22.77 -24.13 -16.85
N LEU B 310 -22.19 -24.28 -15.66
CA LEU B 310 -22.49 -23.36 -14.56
C LEU B 310 -21.74 -22.05 -14.69
N ASN B 311 -20.81 -21.94 -15.63
CA ASN B 311 -20.08 -20.70 -15.89
C ASN B 311 -21.01 -19.68 -16.53
N LYS B 312 -21.61 -18.81 -15.72
CA LYS B 312 -22.48 -17.78 -16.27
C LYS B 312 -21.67 -16.66 -16.91
N ARG B 313 -20.40 -16.52 -16.56
CA ARG B 313 -19.51 -15.53 -17.18
C ARG B 313 -18.65 -16.23 -18.22
N LYS B 314 -19.30 -16.62 -19.31
CA LYS B 314 -18.64 -17.41 -20.35
C LYS B 314 -17.69 -16.59 -21.20
N ASP B 315 -17.70 -15.26 -21.08
CA ASP B 315 -16.84 -14.39 -21.88
C ASP B 315 -15.65 -13.81 -21.13
N THR B 316 -15.63 -13.88 -19.81
CA THR B 316 -14.56 -13.26 -19.03
C THR B 316 -13.68 -14.26 -18.30
N LYS B 317 -14.12 -15.51 -18.17
CA LYS B 317 -13.35 -16.53 -17.47
C LYS B 317 -13.03 -17.69 -18.40
N GLU B 318 -12.33 -18.67 -17.86
CA GLU B 318 -12.26 -19.97 -18.51
C GLU B 318 -12.18 -21.04 -17.42
N ILE B 319 -12.76 -22.20 -17.67
CA ILE B 319 -13.02 -23.18 -16.62
C ILE B 319 -12.19 -24.43 -16.92
N TYR B 320 -10.90 -24.22 -17.22
CA TYR B 320 -9.90 -25.25 -17.51
C TYR B 320 -10.08 -26.51 -16.67
N THR B 321 -10.22 -27.65 -17.32
CA THR B 321 -10.73 -28.84 -16.67
C THR B 321 -9.70 -29.94 -16.83
N HIS B 322 -9.67 -30.84 -15.86
CA HIS B 322 -8.64 -31.85 -15.81
C HIS B 322 -9.20 -33.07 -15.08
N PHE B 323 -8.53 -34.19 -15.27
CA PHE B 323 -8.82 -35.42 -14.54
C PHE B 323 -7.55 -35.79 -13.79
N THR B 324 -7.64 -35.80 -12.46
CA THR B 324 -6.47 -35.84 -11.59
C THR B 324 -5.68 -37.14 -11.74
N CYS B 325 -4.49 -37.03 -12.30
CA CYS B 325 -3.65 -38.18 -12.54
C CYS B 325 -3.00 -38.65 -11.24
N SER B 326 -2.42 -39.85 -11.30
CA SER B 326 -1.62 -40.38 -10.19
C SER B 326 -0.14 -40.34 -10.50
N THR B 327 0.26 -39.56 -11.49
CA THR B 327 1.66 -39.36 -11.83
C THR B 327 2.11 -37.95 -11.48
N ASP B 328 3.42 -37.76 -11.44
CA ASP B 328 3.99 -36.51 -10.94
C ASP B 328 3.93 -35.40 -11.96
N THR B 329 3.79 -35.72 -13.24
CA THR B 329 3.76 -34.66 -14.25
C THR B 329 2.36 -34.07 -14.40
N LYS B 330 1.40 -34.88 -14.85
CA LYS B 330 0.19 -34.39 -15.50
C LYS B 330 -0.88 -33.91 -14.54
N ASN B 331 -0.54 -33.54 -13.30
CA ASN B 331 -1.48 -32.85 -12.42
C ASN B 331 -0.93 -31.55 -11.88
N VAL B 332 0.38 -31.31 -11.98
CA VAL B 332 0.95 -30.01 -11.67
C VAL B 332 1.54 -29.36 -12.92
N GLN B 333 1.78 -30.12 -13.98
CA GLN B 333 2.08 -29.50 -15.27
C GLN B 333 0.85 -28.79 -15.80
N PHE B 334 -0.34 -29.35 -15.55
CA PHE B 334 -1.55 -28.67 -15.95
C PHE B 334 -1.77 -27.39 -15.15
N VAL B 335 -1.37 -27.36 -13.89
CA VAL B 335 -1.49 -26.13 -13.12
C VAL B 335 -0.49 -25.11 -13.62
N PHE B 336 0.65 -25.54 -14.15
CA PHE B 336 1.57 -24.55 -14.71
C PHE B 336 1.18 -24.14 -16.12
N ASP B 337 0.70 -25.08 -16.94
CA ASP B 337 0.33 -24.74 -18.31
C ASP B 337 -0.92 -23.87 -18.35
N ALA B 338 -1.89 -24.15 -17.49
CA ALA B 338 -3.13 -23.41 -17.54
C ALA B 338 -3.11 -22.17 -16.70
N VAL B 339 -2.00 -21.86 -16.02
CA VAL B 339 -1.87 -20.59 -15.33
C VAL B 339 -1.00 -19.63 -16.11
N THR B 340 -0.18 -20.14 -17.03
CA THR B 340 0.46 -19.28 -18.01
C THR B 340 -0.57 -18.68 -18.95
N ASP B 341 -1.54 -19.48 -19.37
CA ASP B 341 -2.63 -18.99 -20.22
C ASP B 341 -3.52 -17.97 -19.50
N VAL B 342 -3.59 -17.99 -18.17
CA VAL B 342 -4.20 -16.87 -17.47
C VAL B 342 -3.30 -15.65 -17.56
N ILE B 343 -1.99 -15.86 -17.48
CA ILE B 343 -1.03 -14.75 -17.46
C ILE B 343 -0.91 -14.12 -18.83
N ILE B 344 -0.93 -14.94 -19.90
CA ILE B 344 -0.88 -14.43 -21.26
C ILE B 344 -2.10 -13.59 -21.56
N LYS B 345 -3.28 -14.11 -21.25
CA LYS B 345 -4.50 -13.35 -21.50
C LYS B 345 -4.73 -12.25 -20.48
N ASN B 346 -3.95 -12.18 -19.40
CA ASN B 346 -3.99 -11.00 -18.55
C ASN B 346 -3.11 -9.90 -19.11
N ASN B 347 -2.07 -10.27 -19.84
CA ASN B 347 -1.22 -9.27 -20.47
C ASN B 347 -1.88 -8.69 -21.71
N LEU B 348 -2.57 -9.52 -22.50
CA LEU B 348 -3.30 -9.01 -23.65
C LEU B 348 -4.44 -8.10 -23.27
N LYS B 349 -5.04 -8.30 -22.10
CA LYS B 349 -6.00 -7.30 -21.64
C LYS B 349 -5.30 -6.09 -21.05
N ASP B 350 -4.03 -6.21 -20.70
CA ASP B 350 -3.27 -5.07 -20.19
C ASP B 350 -2.61 -4.30 -21.33
N CYS B 351 -2.08 -5.03 -22.31
CA CYS B 351 -1.48 -4.45 -23.49
C CYS B 351 -2.47 -4.22 -24.61
N GLY B 352 -3.75 -4.04 -24.30
CA GLY B 352 -4.71 -3.53 -25.26
C GLY B 352 -5.24 -4.52 -26.27
N LEU B 353 -4.54 -5.62 -26.51
CA LEU B 353 -4.84 -6.50 -27.63
C LEU B 353 -6.01 -7.45 -27.36
N PHE B 354 -6.82 -7.18 -26.34
CA PHE B 354 -7.86 -8.10 -25.93
C PHE B 354 -9.00 -7.38 -25.22
N SER C 13 -41.78 -32.88 23.49
CA SER C 13 -41.75 -33.13 24.93
C SER C 13 -41.70 -31.84 25.71
N GLU C 14 -40.51 -31.21 25.76
CA GLU C 14 -40.33 -29.94 26.44
C GLU C 14 -39.47 -28.96 25.64
N LEU C 15 -38.76 -29.42 24.61
CA LEU C 15 -37.87 -28.55 23.85
C LEU C 15 -38.65 -27.54 23.01
N ASP C 16 -39.87 -27.90 22.59
CA ASP C 16 -40.72 -26.95 21.87
C ASP C 16 -41.51 -26.04 22.80
N GLN C 17 -41.62 -26.37 24.08
CA GLN C 17 -42.12 -25.41 25.06
C GLN C 17 -41.03 -24.45 25.51
N LEU C 18 -39.77 -24.87 25.47
CA LEU C 18 -38.65 -23.95 25.63
C LEU C 18 -38.37 -23.17 24.36
N ARG C 19 -38.87 -23.65 23.21
CA ARG C 19 -38.97 -22.79 22.03
C ARG C 19 -39.95 -21.65 22.28
N GLN C 20 -41.03 -21.92 23.01
CA GLN C 20 -41.98 -20.88 23.41
C GLN C 20 -41.51 -20.12 24.64
N GLU C 21 -40.76 -20.76 25.54
CA GLU C 21 -40.19 -20.07 26.69
C GLU C 21 -39.09 -19.09 26.26
N ALA C 22 -38.41 -19.37 25.15
CA ALA C 22 -37.39 -18.45 24.65
C ALA C 22 -38.01 -17.16 24.15
N GLU C 23 -39.05 -17.26 23.31
CA GLU C 23 -39.74 -16.06 22.86
C GLU C 23 -40.62 -15.45 23.95
N GLN C 24 -40.89 -16.18 25.04
CA GLN C 24 -41.62 -15.62 26.17
C GLN C 24 -40.81 -14.51 26.84
N LEU C 25 -39.48 -14.62 26.83
CA LEU C 25 -38.67 -13.57 27.40
C LEU C 25 -38.33 -12.49 26.37
N LYS C 26 -38.57 -12.76 25.09
CA LYS C 26 -38.23 -11.79 24.05
C LYS C 26 -39.30 -10.74 23.83
N ASN C 27 -40.57 -11.11 23.89
CA ASN C 27 -41.63 -10.12 23.68
C ASN C 27 -41.86 -9.28 24.93
N GLN C 28 -41.44 -9.80 26.09
CA GLN C 28 -41.48 -9.00 27.32
C GLN C 28 -40.51 -7.84 27.25
N ILE C 29 -39.34 -8.05 26.63
CA ILE C 29 -38.38 -6.96 26.47
C ILE C 29 -38.87 -5.98 25.40
N ARG C 30 -39.66 -6.47 24.44
CA ARG C 30 -40.23 -5.63 23.38
C ARG C 30 -41.16 -4.55 23.94
N ASP C 31 -42.03 -4.92 24.88
CA ASP C 31 -42.96 -3.94 25.45
C ASP C 31 -42.26 -3.07 26.50
N ALA C 32 -41.19 -3.57 27.13
CA ALA C 32 -40.36 -2.75 27.98
C ALA C 32 -39.49 -1.77 27.19
N ARG C 33 -39.39 -1.95 25.87
CA ARG C 33 -38.49 -1.13 25.06
C ARG C 33 -39.23 0.03 24.40
N LYS C 34 -40.40 -0.23 23.82
CA LYS C 34 -41.19 0.84 23.21
C LYS C 34 -41.88 1.70 24.25
N ALA C 35 -41.98 1.24 25.50
CA ALA C 35 -42.47 2.10 26.57
C ALA C 35 -41.46 3.17 26.91
N CYS C 36 -40.19 2.80 27.02
CA CYS C 36 -39.11 3.74 27.27
C CYS C 36 -38.56 4.36 26.00
N ALA C 37 -39.27 4.21 24.88
CA ALA C 37 -38.95 4.88 23.61
C ALA C 37 -39.81 6.12 23.43
N ASP C 38 -40.00 6.87 24.53
CA ASP C 38 -41.07 7.86 24.64
C ASP C 38 -40.99 8.97 23.59
N ALA C 39 -39.80 9.32 23.15
CA ALA C 39 -39.66 10.31 22.09
C ALA C 39 -38.40 10.03 21.29
N THR C 40 -38.54 10.01 19.98
CA THR C 40 -37.43 9.88 19.05
C THR C 40 -36.50 11.08 19.17
N LEU C 41 -35.19 10.81 19.13
CA LEU C 41 -34.22 11.84 19.45
C LEU C 41 -34.11 12.91 18.37
N SER C 42 -34.62 12.67 17.16
CA SER C 42 -34.55 13.66 16.11
C SER C 42 -35.54 14.81 16.31
N GLN C 43 -36.63 14.60 17.05
CA GLN C 43 -37.57 15.68 17.30
C GLN C 43 -37.22 16.48 18.56
N ILE C 44 -36.31 15.97 19.38
CA ILE C 44 -35.68 16.81 20.39
C ILE C 44 -34.58 17.67 19.76
N THR C 45 -33.80 17.10 18.83
CA THR C 45 -32.72 17.81 18.16
C THR C 45 -33.18 18.51 16.89
N ASN C 46 -34.46 18.89 16.81
CA ASN C 46 -34.93 19.75 15.74
C ASN C 46 -34.33 21.15 15.85
N ASN C 47 -33.98 21.58 17.06
CA ASN C 47 -33.54 22.95 17.30
C ASN C 47 -32.03 23.14 17.24
N ILE C 48 -31.25 22.06 17.11
CA ILE C 48 -29.81 22.19 17.18
C ILE C 48 -29.26 22.63 15.83
N ASP C 49 -28.01 23.07 15.82
CA ASP C 49 -27.40 23.59 14.60
C ASP C 49 -26.83 22.45 13.77
N PRO C 50 -27.27 22.29 12.52
CA PRO C 50 -26.56 21.39 11.61
C PRO C 50 -25.19 21.95 11.30
N VAL C 51 -24.20 21.05 11.23
CA VAL C 51 -22.81 21.48 11.21
C VAL C 51 -22.38 22.08 9.87
N GLY C 52 -23.24 22.01 8.86
CA GLY C 52 -22.89 22.54 7.56
C GLY C 52 -22.08 21.56 6.76
N ARG C 53 -21.65 22.03 5.59
CA ARG C 53 -20.83 21.22 4.70
C ARG C 53 -19.45 21.09 5.30
N ILE C 54 -19.22 19.98 6.02
CA ILE C 54 -17.88 19.63 6.46
C ILE C 54 -17.06 19.32 5.21
N GLN C 55 -16.00 20.08 5.00
CA GLN C 55 -15.13 19.86 3.86
C GLN C 55 -13.72 19.63 4.38
N MET C 56 -13.18 18.46 4.11
CA MET C 56 -11.82 18.13 4.47
C MET C 56 -10.99 17.97 3.21
N ARG C 57 -9.68 18.01 3.38
CA ARG C 57 -8.77 17.94 2.25
C ARG C 57 -7.60 17.04 2.62
N THR C 58 -7.17 16.23 1.67
CA THR C 58 -6.06 15.34 1.92
C THR C 58 -4.76 16.13 2.07
N ARG C 59 -4.43 16.47 3.31
CA ARG C 59 -3.18 17.12 3.64
C ARG C 59 -2.00 16.23 3.30
N ARG C 60 -1.87 15.13 4.00
CA ARG C 60 -0.86 14.15 3.68
C ARG C 60 -1.47 13.06 2.83
N THR C 61 -0.63 12.36 2.08
CA THR C 61 -1.07 11.16 1.38
C THR C 61 0.02 10.15 1.63
N LEU C 62 -0.27 9.20 2.50
CA LEU C 62 0.70 8.22 2.93
C LEU C 62 0.68 7.08 1.92
N ARG C 63 1.70 7.01 1.10
CA ARG C 63 1.74 6.01 0.06
C ARG C 63 2.95 5.13 0.26
N GLY C 64 2.80 3.87 -0.08
CA GLY C 64 3.86 2.90 0.12
C GLY C 64 3.30 1.53 0.42
N HIS C 65 2.00 1.42 0.64
CA HIS C 65 1.38 0.12 0.63
C HIS C 65 1.10 -0.29 -0.81
N LEU C 66 1.23 -1.59 -1.08
CA LEU C 66 1.13 -2.09 -2.45
C LEU C 66 -0.02 -3.06 -2.65
N ALA C 67 -0.94 -3.14 -1.70
CA ALA C 67 -2.14 -3.94 -1.85
C ALA C 67 -3.22 -3.26 -1.06
N LYS C 68 -4.35 -3.94 -0.87
CA LYS C 68 -5.47 -3.34 -0.15
C LYS C 68 -5.10 -3.12 1.32
N ILE C 69 -5.44 -1.96 1.84
CA ILE C 69 -5.22 -1.65 3.23
C ILE C 69 -6.46 -2.10 3.98
N TYR C 70 -6.28 -3.01 4.95
CA TYR C 70 -7.41 -3.63 5.63
C TYR C 70 -7.69 -3.04 6.99
N ALA C 71 -6.69 -2.52 7.68
CA ALA C 71 -6.94 -1.79 8.92
C ALA C 71 -5.85 -0.78 9.17
N MET C 72 -6.21 0.29 9.88
CA MET C 72 -5.27 1.23 10.46
C MET C 72 -5.72 1.59 11.86
N HIS C 73 -4.77 2.10 12.64
CA HIS C 73 -5.01 2.51 14.02
C HIS C 73 -3.99 3.59 14.39
N TRP C 74 -4.46 4.64 15.06
CA TRP C 74 -3.60 5.72 15.53
C TRP C 74 -2.96 5.36 16.85
N GLY C 75 -1.75 5.86 17.05
CA GLY C 75 -1.15 5.90 18.37
C GLY C 75 -1.87 6.88 19.27
N THR C 76 -1.49 6.88 20.55
CA THR C 76 -2.17 7.78 21.47
C THR C 76 -1.59 9.18 21.45
N ASP C 77 -0.46 9.40 20.80
CA ASP C 77 0.09 10.74 20.69
C ASP C 77 -0.55 11.55 19.59
N SER C 78 -1.49 10.95 18.84
CA SER C 78 -2.17 11.49 17.67
C SER C 78 -1.23 11.83 16.54
N ARG C 79 -0.08 11.25 16.50
CA ARG C 79 0.90 11.57 15.49
C ARG C 79 1.46 10.35 14.80
N LEU C 80 1.65 9.26 15.53
CA LEU C 80 2.06 8.00 14.94
C LEU C 80 0.82 7.18 14.63
N LEU C 81 0.92 6.35 13.60
CA LEU C 81 -0.21 5.50 13.25
C LEU C 81 0.33 4.25 12.60
N VAL C 82 -0.35 3.13 12.83
CA VAL C 82 -0.01 1.86 12.21
C VAL C 82 -1.09 1.54 11.18
N SER C 83 -0.69 0.94 10.07
CA SER C 83 -1.61 0.49 9.05
C SER C 83 -1.24 -0.92 8.65
N ALA C 84 -2.25 -1.75 8.44
CA ALA C 84 -2.08 -3.12 7.99
C ALA C 84 -2.52 -3.22 6.55
N SER C 85 -1.87 -4.07 5.79
CA SER C 85 -2.29 -4.22 4.42
C SER C 85 -2.04 -5.63 3.95
N GLN C 86 -2.75 -5.98 2.88
CA GLN C 86 -2.79 -7.29 2.27
C GLN C 86 -1.45 -7.75 1.71
N ASP C 87 -0.48 -6.85 1.54
CA ASP C 87 0.85 -7.24 1.09
C ASP C 87 1.74 -7.70 2.23
N GLY C 88 1.18 -7.94 3.41
CA GLY C 88 1.94 -8.50 4.51
C GLY C 88 2.90 -7.52 5.15
N LYS C 89 2.49 -6.27 5.29
CA LYS C 89 3.30 -5.25 5.90
C LYS C 89 2.48 -4.51 6.93
N LEU C 90 3.12 -4.19 8.04
CA LEU C 90 2.58 -3.33 9.05
C LEU C 90 3.50 -2.12 9.11
N ILE C 91 3.01 -0.95 8.78
CA ILE C 91 3.84 0.23 8.65
C ILE C 91 3.46 1.20 9.75
N ILE C 92 4.45 1.63 10.52
CA ILE C 92 4.26 2.75 11.44
C ILE C 92 4.57 4.02 10.67
N TRP C 93 3.66 4.98 10.73
CA TRP C 93 3.80 6.22 9.99
C TRP C 93 4.00 7.36 10.95
N ASP C 94 4.84 8.29 10.59
CA ASP C 94 4.76 9.63 11.16
C ASP C 94 3.78 10.37 10.26
N SER C 95 2.61 10.66 10.80
CA SER C 95 1.59 11.34 10.01
C SER C 95 1.92 12.79 9.78
N TYR C 96 2.86 13.36 10.55
CA TYR C 96 3.20 14.76 10.42
C TYR C 96 4.04 15.02 9.19
N THR C 97 5.01 14.16 8.92
CA THR C 97 5.94 14.36 7.82
C THR C 97 5.87 13.26 6.77
N THR C 98 4.84 12.40 6.82
CA THR C 98 4.64 11.25 5.91
C THR C 98 5.83 10.30 5.86
N ASN C 99 6.67 10.29 6.87
CA ASN C 99 7.87 9.49 6.77
C ASN C 99 7.74 8.30 7.71
N LYS C 100 8.16 7.14 7.22
CA LYS C 100 7.85 5.88 7.84
C LYS C 100 8.81 5.60 8.99
N VAL C 101 8.26 5.39 10.18
CA VAL C 101 9.09 5.12 11.35
C VAL C 101 9.54 3.67 11.36
N HIS C 102 8.66 2.75 11.00
CA HIS C 102 8.95 1.32 10.93
C HIS C 102 8.11 0.73 9.82
N ALA C 103 8.59 -0.35 9.21
CA ALA C 103 7.77 -1.23 8.42
C ALA C 103 7.99 -2.65 8.92
N ILE C 104 6.93 -3.29 9.39
CA ILE C 104 7.02 -4.57 10.07
C ILE C 104 6.56 -5.65 9.09
N PRO C 105 7.37 -6.64 8.76
CA PRO C 105 6.89 -7.73 7.92
C PRO C 105 6.14 -8.77 8.75
N LEU C 106 4.99 -9.19 8.24
CA LEU C 106 4.12 -10.11 8.97
C LEU C 106 4.34 -11.53 8.50
N ARG C 107 3.96 -12.47 9.37
CA ARG C 107 4.18 -13.88 9.05
C ARG C 107 3.10 -14.41 8.10
N SER C 108 1.88 -13.91 8.21
CA SER C 108 0.82 -14.21 7.25
C SER C 108 0.34 -12.91 6.62
N SER C 109 0.25 -12.92 5.29
CA SER C 109 -0.26 -11.77 4.55
C SER C 109 -1.71 -11.45 4.85
N TRP C 110 -2.53 -12.45 5.13
CA TRP C 110 -3.98 -12.29 5.22
C TRP C 110 -4.34 -11.69 6.57
N VAL C 111 -4.18 -10.38 6.65
CA VAL C 111 -4.31 -9.63 7.90
C VAL C 111 -5.49 -8.69 7.78
N MET C 112 -6.43 -8.83 8.70
CA MET C 112 -7.66 -8.09 8.66
C MET C 112 -7.76 -7.02 9.73
N THR C 113 -6.83 -6.98 10.68
CA THR C 113 -6.89 -6.01 11.76
C THR C 113 -5.49 -5.65 12.22
N CYS C 114 -5.40 -4.54 12.95
CA CYS C 114 -4.17 -4.08 13.57
C CYS C 114 -4.54 -3.13 14.70
N ALA C 115 -3.68 -3.04 15.71
CA ALA C 115 -3.89 -2.15 16.85
C ALA C 115 -2.57 -1.58 17.30
N TYR C 116 -2.63 -0.41 17.95
CA TYR C 116 -1.50 0.29 18.53
C TYR C 116 -1.70 0.20 20.04
N ALA C 117 -0.65 -0.11 20.81
CA ALA C 117 -0.81 -0.12 22.25
C ALA C 117 -0.89 1.31 22.78
N PRO C 118 -1.63 1.54 23.87
CA PRO C 118 -1.76 2.90 24.40
C PRO C 118 -0.48 3.50 24.95
N SER C 119 0.52 2.69 25.27
CA SER C 119 1.84 3.18 25.57
C SER C 119 2.68 3.40 24.32
N GLY C 120 2.27 2.85 23.19
CA GLY C 120 3.08 2.90 22.00
C GLY C 120 4.23 1.94 22.01
N ASN C 121 4.32 1.06 22.99
CA ASN C 121 5.38 0.08 23.01
C ASN C 121 5.08 -1.06 22.08
N TYR C 122 3.80 -1.32 21.84
CA TYR C 122 3.38 -2.54 21.17
C TYR C 122 2.42 -2.24 20.04
N VAL C 123 2.45 -3.10 19.04
CA VAL C 123 1.49 -3.10 17.95
C VAL C 123 1.05 -4.54 17.72
N ALA C 124 -0.25 -4.76 17.59
CA ALA C 124 -0.80 -6.07 17.25
C ALA C 124 -1.30 -6.10 15.81
N CYS C 125 -1.43 -7.31 15.29
CA CYS C 125 -2.11 -7.55 14.03
C CYS C 125 -2.62 -8.98 14.03
N GLY C 126 -3.60 -9.25 13.17
CA GLY C 126 -4.13 -10.59 13.05
C GLY C 126 -5.09 -10.67 11.89
N GLY C 127 -5.47 -11.90 11.57
CA GLY C 127 -6.28 -12.11 10.39
C GLY C 127 -6.72 -13.54 10.16
N LEU C 128 -6.50 -14.06 8.94
CA LEU C 128 -7.02 -15.37 8.59
C LEU C 128 -6.27 -16.51 9.23
N ASP C 129 -5.13 -16.26 9.86
CA ASP C 129 -4.33 -17.32 10.47
C ASP C 129 -4.78 -17.67 11.88
N ASN C 130 -5.81 -17.00 12.40
CA ASN C 130 -6.40 -17.21 13.72
C ASN C 130 -5.43 -16.89 14.85
N ILE C 131 -4.53 -15.93 14.65
CA ILE C 131 -3.51 -15.55 15.62
C ILE C 131 -3.48 -14.03 15.69
N CYS C 132 -3.48 -13.47 16.92
CA CYS C 132 -3.11 -12.08 17.15
C CYS C 132 -1.64 -12.06 17.54
N SER C 133 -0.79 -11.59 16.62
CA SER C 133 0.63 -11.44 16.90
C SER C 133 0.86 -10.09 17.55
N ILE C 134 1.74 -10.06 18.56
CA ILE C 134 2.07 -8.85 19.31
C ILE C 134 3.52 -8.49 19.01
N TYR C 135 3.74 -7.25 18.57
CA TYR C 135 5.06 -6.80 18.16
C TYR C 135 5.59 -5.74 19.11
N ASN C 136 6.87 -5.83 19.44
CA ASN C 136 7.52 -4.93 20.39
C ASN C 136 8.25 -3.83 19.64
N LEU C 137 7.78 -2.59 19.80
CA LEU C 137 8.35 -1.48 19.05
C LEU C 137 9.64 -0.97 19.67
N LYS C 138 9.65 -0.81 20.99
CA LYS C 138 10.73 -0.13 21.67
C LYS C 138 11.65 -1.15 22.31
N THR C 139 12.44 -1.79 21.46
CA THR C 139 13.43 -2.77 21.85
C THR C 139 14.75 -2.05 22.19
N ARG C 140 15.57 -2.71 23.02
CA ARG C 140 16.93 -2.24 23.29
C ARG C 140 17.85 -2.44 22.10
N GLU C 141 17.44 -3.20 21.10
CA GLU C 141 18.07 -3.29 19.80
C GLU C 141 17.34 -2.34 18.86
N GLY C 142 17.62 -2.43 17.58
CA GLY C 142 17.01 -1.48 16.68
C GLY C 142 15.71 -1.91 16.06
N ASN C 143 15.45 -3.22 16.05
CA ASN C 143 14.37 -3.77 15.26
C ASN C 143 13.07 -3.84 16.06
N VAL C 144 12.00 -4.14 15.35
CA VAL C 144 10.71 -4.50 15.93
C VAL C 144 10.56 -6.00 15.84
N ARG C 145 10.32 -6.66 16.96
CA ARG C 145 10.19 -8.10 16.96
C ARG C 145 8.92 -8.52 17.68
N VAL C 146 8.58 -9.78 17.52
CA VAL C 146 7.30 -10.32 17.94
C VAL C 146 7.39 -10.67 19.43
N SER C 147 6.53 -10.07 20.24
CA SER C 147 6.49 -10.39 21.66
C SER C 147 5.89 -11.77 21.90
N ARG C 148 4.60 -11.92 21.60
CA ARG C 148 3.87 -13.17 21.76
C ARG C 148 2.88 -13.32 20.61
N GLU C 149 2.57 -14.58 20.30
CA GLU C 149 1.48 -14.93 19.38
C GLU C 149 0.36 -15.56 20.19
N LEU C 150 -0.86 -15.18 19.91
CA LEU C 150 -2.01 -15.58 20.72
C LEU C 150 -2.87 -16.55 19.94
N ALA C 151 -2.55 -17.83 20.04
CA ALA C 151 -3.28 -18.89 19.37
C ALA C 151 -4.32 -19.48 20.31
N GLY C 152 -5.45 -19.87 19.75
CA GLY C 152 -6.58 -20.29 20.56
C GLY C 152 -7.92 -19.95 19.95
N HIS C 153 -7.90 -19.21 18.84
CA HIS C 153 -9.11 -18.90 18.10
C HIS C 153 -9.30 -19.92 16.97
N THR C 154 -10.57 -20.18 16.67
CA THR C 154 -10.93 -21.20 15.69
C THR C 154 -11.23 -20.62 14.32
N GLY C 155 -11.91 -19.47 14.25
CA GLY C 155 -12.08 -18.76 13.01
C GLY C 155 -11.03 -17.68 12.83
N TYR C 156 -11.17 -16.92 11.75
CA TYR C 156 -10.27 -15.82 11.45
C TYR C 156 -10.39 -14.71 12.49
N LEU C 157 -9.36 -13.89 12.61
CA LEU C 157 -9.41 -12.72 13.47
C LEU C 157 -9.89 -11.48 12.77
N SER C 158 -10.72 -10.72 13.48
CA SER C 158 -11.38 -9.56 12.93
C SER C 158 -10.96 -8.24 13.56
N CYS C 159 -10.61 -8.22 14.85
CA CYS C 159 -10.32 -6.98 15.56
C CYS C 159 -9.54 -7.28 16.82
N CYS C 160 -8.31 -6.76 16.92
CA CYS C 160 -7.51 -6.78 18.14
C CYS C 160 -7.56 -5.39 18.76
N ARG C 161 -7.65 -5.30 20.09
CA ARG C 161 -7.65 -4.02 20.79
C ARG C 161 -6.97 -4.16 22.14
N PHE C 162 -5.88 -3.41 22.35
CA PHE C 162 -5.13 -3.49 23.61
C PHE C 162 -5.88 -2.79 24.72
N LEU C 163 -5.91 -3.41 25.91
CA LEU C 163 -6.31 -2.66 27.10
C LEU C 163 -5.12 -1.94 27.72
N ASP C 164 -3.98 -2.62 27.78
CA ASP C 164 -2.72 -2.06 28.22
C ASP C 164 -1.61 -2.92 27.61
N ASP C 165 -0.40 -2.81 28.14
CA ASP C 165 0.73 -3.52 27.57
C ASP C 165 0.66 -5.03 27.72
N ASN C 166 -0.20 -5.53 28.61
CA ASN C 166 -0.26 -6.96 28.88
C ASN C 166 -1.63 -7.57 28.68
N GLN C 167 -2.64 -6.80 28.29
CA GLN C 167 -3.98 -7.34 28.10
C GLN C 167 -4.58 -6.83 26.80
N ILE C 168 -4.83 -7.75 25.87
CA ILE C 168 -5.47 -7.43 24.60
C ILE C 168 -6.75 -8.27 24.48
N VAL C 169 -7.76 -7.72 23.82
CA VAL C 169 -9.02 -8.42 23.57
C VAL C 169 -9.17 -8.57 22.06
N THR C 170 -9.51 -9.79 21.62
CA THR C 170 -9.65 -10.10 20.21
C THR C 170 -11.03 -10.69 19.93
N SER C 171 -11.63 -10.27 18.83
CA SER C 171 -12.82 -10.92 18.29
C SER C 171 -12.43 -11.82 17.13
N SER C 172 -13.30 -12.78 16.84
CA SER C 172 -12.98 -13.72 15.79
C SER C 172 -14.24 -14.17 15.07
N GLY C 173 -14.04 -14.91 14.00
CA GLY C 173 -15.08 -15.51 13.22
C GLY C 173 -15.56 -16.85 13.72
N ASP C 174 -15.17 -17.26 14.92
CA ASP C 174 -15.68 -18.47 15.53
C ASP C 174 -16.80 -18.19 16.49
N THR C 175 -17.45 -17.03 16.35
CA THR C 175 -18.49 -16.43 17.19
C THR C 175 -18.02 -16.04 18.59
N THR C 176 -16.72 -16.12 18.87
CA THR C 176 -16.23 -15.86 20.22
C THR C 176 -15.26 -14.68 20.22
N CYS C 177 -15.50 -13.74 21.13
CA CYS C 177 -14.47 -12.80 21.57
C CYS C 177 -13.68 -13.45 22.71
N ALA C 178 -12.56 -12.81 23.06
CA ALA C 178 -11.62 -13.43 23.98
C ALA C 178 -10.75 -12.34 24.59
N LEU C 179 -10.63 -12.32 25.91
CA LEU C 179 -9.67 -11.48 26.61
C LEU C 179 -8.41 -12.28 26.88
N TRP C 180 -7.26 -11.64 26.75
CA TRP C 180 -5.99 -12.33 26.83
C TRP C 180 -5.09 -11.71 27.89
N ASP C 181 -4.12 -12.50 28.30
CA ASP C 181 -2.99 -12.04 29.09
C ASP C 181 -1.76 -12.27 28.23
N ILE C 182 -1.10 -11.20 27.80
CA ILE C 182 -0.03 -11.34 26.83
C ILE C 182 1.21 -11.95 27.45
N GLU C 183 1.39 -11.81 28.77
CA GLU C 183 2.56 -12.37 29.46
C GLU C 183 2.58 -13.89 29.41
N THR C 184 1.53 -14.52 29.95
CA THR C 184 1.44 -15.97 29.87
C THR C 184 1.09 -16.43 28.47
N GLY C 185 0.42 -15.59 27.70
CA GLY C 185 0.12 -15.91 26.32
C GLY C 185 -1.11 -16.75 26.13
N GLN C 186 -2.10 -16.60 27.01
CA GLN C 186 -3.27 -17.45 26.95
C GLN C 186 -4.47 -16.70 27.48
N GLN C 187 -5.63 -17.04 26.95
CA GLN C 187 -6.84 -16.27 27.16
C GLN C 187 -7.42 -16.54 28.54
N THR C 188 -7.44 -15.50 29.37
CA THR C 188 -8.07 -15.58 30.68
C THR C 188 -9.57 -15.70 30.59
N THR C 189 -10.18 -15.06 29.59
CA THR C 189 -11.62 -15.05 29.44
C THR C 189 -11.93 -15.49 28.01
N THR C 190 -13.18 -15.92 27.80
CA THR C 190 -13.68 -16.21 26.47
C THR C 190 -15.16 -15.83 26.47
N PHE C 191 -15.58 -15.09 25.45
CA PHE C 191 -16.89 -14.45 25.42
C PHE C 191 -17.71 -15.11 24.32
N THR C 192 -18.61 -16.01 24.71
CA THR C 192 -19.39 -16.82 23.76
C THR C 192 -20.87 -16.49 23.90
N GLY C 193 -21.34 -15.55 23.11
CA GLY C 193 -22.77 -15.35 22.99
C GLY C 193 -23.29 -15.23 21.57
N HIS C 194 -22.42 -14.90 20.62
CA HIS C 194 -22.86 -14.64 19.26
C HIS C 194 -23.11 -15.95 18.53
N THR C 195 -23.85 -15.85 17.40
CA THR C 195 -24.09 -17.00 16.54
C THR C 195 -23.44 -16.89 15.17
N GLY C 196 -23.17 -15.68 14.70
CA GLY C 196 -22.40 -15.46 13.48
C GLY C 196 -20.99 -15.02 13.81
N ASP C 197 -20.23 -14.74 12.75
CA ASP C 197 -18.86 -14.28 12.90
C ASP C 197 -18.81 -12.87 13.46
N VAL C 198 -18.11 -12.70 14.57
CA VAL C 198 -17.88 -11.35 15.10
C VAL C 198 -16.89 -10.63 14.21
N MET C 199 -17.23 -9.40 13.82
CA MET C 199 -16.44 -8.71 12.81
C MET C 199 -15.68 -7.48 13.30
N SER C 200 -16.01 -6.91 14.46
CA SER C 200 -15.31 -5.74 14.94
C SER C 200 -15.53 -5.54 16.43
N LEU C 201 -14.54 -4.91 17.07
CA LEU C 201 -14.56 -4.54 18.48
C LEU C 201 -14.35 -3.04 18.62
N SER C 202 -14.77 -2.53 19.76
CA SER C 202 -14.17 -1.29 20.25
C SER C 202 -14.21 -1.33 21.76
N LEU C 203 -13.06 -1.10 22.37
CA LEU C 203 -12.93 -1.02 23.80
C LEU C 203 -13.57 0.25 24.30
N ALA C 204 -13.95 0.23 25.56
CA ALA C 204 -14.57 1.39 26.17
C ALA C 204 -13.53 2.48 26.41
N PRO C 205 -13.98 3.72 26.65
CA PRO C 205 -13.03 4.74 27.15
C PRO C 205 -12.35 4.34 28.45
N ASP C 206 -13.10 3.84 29.42
CA ASP C 206 -12.49 3.38 30.67
C ASP C 206 -11.94 1.97 30.57
N THR C 207 -12.14 1.30 29.43
CA THR C 207 -11.63 -0.04 29.10
C THR C 207 -12.07 -1.10 30.10
N ARG C 208 -13.29 -0.95 30.62
CA ARG C 208 -13.87 -1.95 31.51
C ARG C 208 -15.06 -2.68 30.88
N LEU C 209 -15.51 -2.23 29.72
CA LEU C 209 -16.43 -2.99 28.89
C LEU C 209 -15.89 -2.99 27.47
N PHE C 210 -16.54 -3.77 26.61
CA PHE C 210 -16.39 -3.62 25.17
C PHE C 210 -17.67 -4.13 24.52
N VAL C 211 -17.78 -3.88 23.22
CA VAL C 211 -18.97 -4.24 22.48
C VAL C 211 -18.53 -4.74 21.11
N SER C 212 -19.26 -5.72 20.60
CA SER C 212 -18.87 -6.46 19.40
C SER C 212 -20.09 -6.71 18.54
N GLY C 213 -20.00 -6.39 17.26
CA GLY C 213 -21.04 -6.68 16.31
C GLY C 213 -20.65 -7.87 15.46
N ALA C 214 -21.65 -8.68 15.10
CA ALA C 214 -21.40 -9.95 14.44
C ALA C 214 -22.18 -10.07 13.15
N CYS C 215 -21.91 -11.15 12.43
CA CYS C 215 -22.60 -11.48 11.18
C CYS C 215 -24.05 -11.91 11.38
N ASP C 216 -24.50 -12.13 12.61
CA ASP C 216 -25.92 -12.39 12.84
C ASP C 216 -26.72 -11.11 13.06
N ALA C 217 -26.15 -9.97 12.65
CA ALA C 217 -26.73 -8.62 12.76
C ALA C 217 -26.96 -8.19 14.22
N SER C 218 -26.30 -8.83 15.17
CA SER C 218 -26.47 -8.53 16.58
C SER C 218 -25.23 -7.85 17.12
N ALA C 219 -25.42 -7.00 18.12
CA ALA C 219 -24.33 -6.41 18.88
C ALA C 219 -24.47 -6.82 20.33
N LYS C 220 -23.33 -7.02 21.00
CA LYS C 220 -23.33 -7.52 22.38
C LYS C 220 -22.28 -6.80 23.19
N LEU C 221 -22.72 -6.01 24.17
CA LEU C 221 -21.83 -5.38 25.13
C LEU C 221 -21.39 -6.39 26.18
N TRP C 222 -20.08 -6.49 26.41
CA TRP C 222 -19.51 -7.45 27.33
C TRP C 222 -18.97 -6.78 28.58
N ASP C 223 -18.46 -7.61 29.49
CA ASP C 223 -17.74 -7.17 30.67
C ASP C 223 -16.41 -7.90 30.71
N VAL C 224 -15.31 -7.15 30.82
CA VAL C 224 -14.00 -7.77 30.68
C VAL C 224 -13.61 -8.54 31.94
N ARG C 225 -14.11 -8.16 33.10
CA ARG C 225 -13.76 -8.85 34.33
C ARG C 225 -14.77 -9.92 34.72
N GLU C 226 -16.05 -9.71 34.45
CA GLU C 226 -17.04 -10.74 34.68
C GLU C 226 -16.92 -11.86 33.65
N GLY C 227 -17.14 -11.54 32.38
CA GLY C 227 -16.97 -12.48 31.30
C GLY C 227 -18.22 -12.84 30.53
N MET C 228 -19.32 -12.12 30.71
CA MET C 228 -20.57 -12.49 30.08
C MET C 228 -21.26 -11.27 29.51
N CYS C 229 -22.21 -11.53 28.61
CA CYS C 229 -22.84 -10.49 27.80
C CYS C 229 -23.83 -9.71 28.64
N ARG C 230 -23.58 -8.41 28.82
CA ARG C 230 -24.49 -7.56 29.56
C ARG C 230 -25.78 -7.35 28.78
N GLN C 231 -25.68 -6.73 27.60
CA GLN C 231 -26.83 -6.39 26.79
C GLN C 231 -26.63 -6.91 25.37
N THR C 232 -27.73 -7.09 24.66
CA THR C 232 -27.69 -7.59 23.30
C THR C 232 -28.53 -6.70 22.41
N PHE C 233 -27.95 -6.23 21.30
CA PHE C 233 -28.53 -5.18 20.48
C PHE C 233 -28.79 -5.74 19.09
N THR C 234 -30.04 -5.70 18.67
CA THR C 234 -30.43 -6.06 17.31
C THR C 234 -30.98 -4.82 16.62
N GLY C 235 -31.25 -4.97 15.32
CA GLY C 235 -31.77 -3.86 14.57
C GLY C 235 -31.28 -3.81 13.13
N HIS C 236 -30.35 -4.69 12.79
CA HIS C 236 -29.80 -4.69 11.44
C HIS C 236 -30.33 -5.88 10.66
N GLU C 237 -30.27 -5.75 9.33
CA GLU C 237 -30.74 -6.78 8.42
C GLU C 237 -29.63 -7.70 7.99
N SER C 238 -28.47 -7.16 7.66
CA SER C 238 -27.32 -7.92 7.24
C SER C 238 -26.22 -7.76 8.27
N ASP C 239 -25.03 -8.25 7.92
CA ASP C 239 -23.93 -8.40 8.85
C ASP C 239 -23.41 -7.05 9.32
N ILE C 240 -22.96 -6.99 10.57
CA ILE C 240 -22.32 -5.81 11.14
C ILE C 240 -20.82 -5.88 10.85
N ASN C 241 -20.27 -4.82 10.29
CA ASN C 241 -18.88 -4.80 9.88
C ASN C 241 -17.98 -3.90 10.72
N ALA C 242 -18.56 -3.04 11.57
CA ALA C 242 -17.77 -1.99 12.18
C ALA C 242 -18.44 -1.52 13.45
N ILE C 243 -17.73 -1.63 14.56
CA ILE C 243 -18.09 -0.99 15.83
C ILE C 243 -17.02 0.04 16.11
N CYS C 244 -17.44 1.23 16.56
CA CYS C 244 -16.61 2.08 17.39
C CYS C 244 -17.43 2.62 18.54
N PHE C 245 -16.77 2.93 19.63
CA PHE C 245 -17.43 3.56 20.77
C PHE C 245 -17.52 5.06 20.59
N PHE C 246 -18.65 5.61 20.95
CA PHE C 246 -18.79 7.04 21.20
C PHE C 246 -17.84 7.46 22.32
N PRO C 247 -17.35 8.70 22.30
CA PRO C 247 -16.44 9.16 23.37
C PRO C 247 -17.04 9.20 24.75
N ASN C 248 -18.37 9.24 24.87
CA ASN C 248 -19.03 9.18 26.16
C ASN C 248 -18.81 7.84 26.83
N GLY C 249 -18.71 6.77 26.05
CA GLY C 249 -18.68 5.43 26.57
C GLY C 249 -20.03 4.77 26.68
N ASN C 250 -21.12 5.51 26.48
CA ASN C 250 -22.47 4.99 26.63
C ASN C 250 -23.22 4.98 25.31
N ALA C 251 -22.50 4.81 24.19
CA ALA C 251 -23.10 4.64 22.87
C ALA C 251 -22.06 4.00 21.97
N PHE C 252 -22.53 3.43 20.87
CA PHE C 252 -21.66 2.87 19.86
C PHE C 252 -22.44 2.77 18.56
N ALA C 253 -21.77 3.02 17.45
CA ALA C 253 -22.41 2.99 16.14
C ALA C 253 -21.94 1.77 15.37
N THR C 254 -22.91 1.01 14.87
CA THR C 254 -22.66 -0.23 14.13
C THR C 254 -22.72 0.08 12.65
N GLY C 255 -21.79 -0.47 11.89
CA GLY C 255 -21.80 -0.23 10.45
C GLY C 255 -21.97 -1.49 9.64
N SER C 256 -23.02 -1.59 8.84
CA SER C 256 -23.44 -2.88 8.31
C SER C 256 -23.23 -3.02 6.80
N ASP C 257 -23.32 -4.28 6.33
CA ASP C 257 -23.41 -4.60 4.90
C ASP C 257 -24.78 -4.32 4.32
N ASP C 258 -25.74 -4.00 5.18
CA ASP C 258 -27.09 -3.52 4.95
C ASP C 258 -27.14 -2.13 4.31
N ALA C 259 -25.98 -1.50 4.06
CA ALA C 259 -25.82 -0.13 3.56
C ALA C 259 -26.43 0.88 4.53
N THR C 260 -26.37 0.59 5.82
CA THR C 260 -26.86 1.49 6.83
C THR C 260 -25.90 1.50 8.00
N CYS C 261 -25.99 2.54 8.83
CA CYS C 261 -25.40 2.50 10.16
C CYS C 261 -26.39 3.06 11.16
N ARG C 262 -26.34 2.54 12.38
CA ARG C 262 -27.27 2.89 13.44
C ARG C 262 -26.49 3.19 14.70
N LEU C 263 -27.03 4.08 15.51
CA LEU C 263 -26.45 4.44 16.80
C LEU C 263 -27.22 3.74 17.91
N PHE C 264 -26.50 3.21 18.88
CA PHE C 264 -27.09 2.49 19.99
C PHE C 264 -26.88 3.23 21.30
N ASP C 265 -27.29 2.57 22.38
CA ASP C 265 -27.10 3.09 23.73
C ASP C 265 -27.14 1.93 24.71
N LEU C 266 -26.23 1.95 25.67
CA LEU C 266 -26.22 0.92 26.69
C LEU C 266 -27.21 1.20 27.80
N ARG C 267 -27.45 2.48 28.12
CA ARG C 267 -28.36 2.81 29.20
C ARG C 267 -29.80 2.89 28.72
N ALA C 268 -30.03 2.90 27.41
CA ALA C 268 -31.37 2.98 26.87
C ALA C 268 -31.82 1.66 26.27
N ASP C 269 -30.86 0.90 25.70
CA ASP C 269 -31.06 -0.47 25.22
C ASP C 269 -32.06 -0.55 24.07
N GLN C 270 -31.83 0.28 23.05
CA GLN C 270 -32.36 0.14 21.69
C GLN C 270 -31.64 1.09 20.78
N GLU C 271 -31.81 0.88 19.48
CA GLU C 271 -31.32 1.81 18.47
C GLU C 271 -32.02 3.16 18.62
N LEU C 272 -31.26 4.22 18.34
CA LEU C 272 -31.81 5.57 18.44
C LEU C 272 -31.86 6.25 17.08
N MET C 273 -30.72 6.40 16.41
CA MET C 273 -30.66 7.08 15.14
C MET C 273 -30.07 6.14 14.11
N THR C 274 -30.63 6.12 12.91
CA THR C 274 -30.09 5.34 11.81
C THR C 274 -29.69 6.28 10.68
N TYR C 275 -28.45 6.13 10.22
CA TYR C 275 -27.85 7.02 9.23
C TYR C 275 -27.79 6.26 7.91
N SER C 276 -28.72 6.58 7.01
CA SER C 276 -28.80 5.96 5.71
C SER C 276 -29.15 7.01 4.68
N HIS C 277 -29.13 6.58 3.41
CA HIS C 277 -29.55 7.41 2.29
C HIS C 277 -29.94 6.49 1.16
N ASP C 278 -31.00 6.87 0.44
CA ASP C 278 -31.58 5.98 -0.57
C ASP C 278 -30.70 5.83 -1.80
N ASN C 279 -29.75 6.75 -2.01
CA ASN C 279 -28.76 6.58 -3.05
C ASN C 279 -27.57 5.74 -2.60
N ILE C 280 -27.53 5.38 -1.32
CA ILE C 280 -26.47 4.54 -0.76
C ILE C 280 -27.02 3.14 -0.63
N ILE C 281 -26.64 2.26 -1.56
CA ILE C 281 -27.04 0.87 -1.51
C ILE C 281 -25.81 -0.03 -1.36
N CYS C 282 -24.77 0.50 -0.74
CA CYS C 282 -23.47 -0.13 -0.66
C CYS C 282 -23.05 -0.24 0.81
N GLY C 283 -22.41 -1.34 1.19
CA GLY C 283 -22.25 -1.65 2.59
C GLY C 283 -21.06 -0.95 3.24
N ILE C 284 -21.23 -0.64 4.52
CA ILE C 284 -20.24 0.09 5.31
C ILE C 284 -19.13 -0.84 5.73
N THR C 285 -17.89 -0.41 5.54
CA THR C 285 -16.74 -1.21 5.93
C THR C 285 -16.05 -0.72 7.19
N SER C 286 -16.22 0.55 7.57
CA SER C 286 -15.57 1.06 8.76
C SER C 286 -16.42 2.16 9.36
N VAL C 287 -16.24 2.38 10.65
CA VAL C 287 -16.95 3.40 11.41
C VAL C 287 -15.94 3.99 12.37
N SER C 288 -16.02 5.30 12.61
CA SER C 288 -15.27 5.93 13.68
C SER C 288 -15.98 7.22 14.07
N PHE C 289 -15.84 7.60 15.31
CA PHE C 289 -16.47 8.81 15.83
C PHE C 289 -15.47 9.93 15.95
N SER C 290 -15.98 11.15 16.00
CA SER C 290 -15.10 12.30 16.19
C SER C 290 -14.90 12.57 17.68
N LYS C 291 -14.14 13.62 17.98
CA LYS C 291 -13.76 13.88 19.37
C LYS C 291 -14.93 14.39 20.18
N SER C 292 -15.79 15.21 19.59
CA SER C 292 -17.03 15.61 20.24
C SER C 292 -18.10 14.54 20.15
N GLY C 293 -17.86 13.48 19.39
CA GLY C 293 -18.93 12.61 18.96
C GLY C 293 -19.94 13.35 18.11
N ARG C 294 -19.48 14.23 17.24
CA ARG C 294 -20.35 14.98 16.36
C ARG C 294 -20.14 14.61 14.90
N LEU C 295 -19.05 13.92 14.58
CA LEU C 295 -18.86 13.43 13.22
C LEU C 295 -18.62 11.92 13.30
N LEU C 296 -19.67 11.14 13.06
CA LEU C 296 -19.48 9.76 12.68
C LEU C 296 -18.83 9.74 11.31
N LEU C 297 -17.69 9.09 11.19
CA LEU C 297 -17.10 8.91 9.89
C LEU C 297 -17.19 7.45 9.52
N ALA C 298 -17.56 7.17 8.27
CA ALA C 298 -17.84 5.80 7.86
C ALA C 298 -17.32 5.56 6.46
N GLY C 299 -16.63 4.46 6.25
CA GLY C 299 -15.99 4.19 5.00
C GLY C 299 -16.71 3.16 4.17
N TYR C 300 -17.38 3.61 3.11
CA TYR C 300 -18.32 2.80 2.36
C TYR C 300 -17.60 2.06 1.25
N ASP C 301 -18.34 1.30 0.46
CA ASP C 301 -17.75 0.69 -0.72
C ASP C 301 -18.39 1.15 -2.03
N ASP C 302 -18.96 2.35 -2.05
CA ASP C 302 -19.06 3.14 -3.28
C ASP C 302 -17.83 3.99 -3.49
N PHE C 303 -16.74 3.62 -2.84
CA PHE C 303 -15.35 4.07 -2.92
C PHE C 303 -15.07 5.33 -2.12
N ASN C 304 -16.07 5.95 -1.49
CA ASN C 304 -15.81 7.19 -0.80
C ASN C 304 -16.29 7.12 0.63
N CYS C 305 -15.43 7.54 1.55
CA CYS C 305 -15.78 7.67 2.94
C CYS C 305 -16.80 8.77 3.12
N ASN C 306 -17.92 8.46 3.73
CA ASN C 306 -18.86 9.51 4.06
C ASN C 306 -18.62 9.94 5.50
N VAL C 307 -19.10 11.14 5.81
CA VAL C 307 -18.86 11.78 7.09
C VAL C 307 -20.23 12.16 7.61
N TRP C 308 -20.71 11.43 8.60
CA TRP C 308 -22.08 11.55 9.04
C TRP C 308 -22.14 12.43 10.26
N ASP C 309 -22.95 13.47 10.18
CA ASP C 309 -23.30 14.24 11.36
C ASP C 309 -24.11 13.34 12.27
N ALA C 310 -23.50 12.87 13.34
CA ALA C 310 -24.05 11.76 14.11
C ALA C 310 -25.26 12.14 14.94
N LEU C 311 -25.57 13.42 15.09
CA LEU C 311 -26.69 13.81 15.92
C LEU C 311 -27.97 14.07 15.13
N LYS C 312 -27.88 14.21 13.81
CA LYS C 312 -29.02 14.68 13.05
C LYS C 312 -29.46 13.74 11.94
N ALA C 313 -28.66 12.72 11.60
CA ALA C 313 -28.89 11.82 10.47
C ALA C 313 -29.04 12.59 9.16
N ASP C 314 -28.00 13.33 8.82
CA ASP C 314 -27.85 13.90 7.50
C ASP C 314 -26.38 14.02 7.22
N ARG C 315 -25.94 13.39 6.14
CA ARG C 315 -24.55 13.36 5.75
C ARG C 315 -24.00 14.75 5.50
N ALA C 316 -22.95 15.09 6.23
CA ALA C 316 -22.41 16.44 6.26
C ALA C 316 -21.08 16.56 5.57
N GLY C 317 -20.55 15.48 5.01
CA GLY C 317 -19.30 15.55 4.30
C GLY C 317 -19.12 14.32 3.48
N VAL C 318 -18.05 14.31 2.70
CA VAL C 318 -17.62 13.15 1.95
C VAL C 318 -16.12 13.31 1.72
N LEU C 319 -15.36 12.24 1.93
CA LEU C 319 -13.93 12.27 1.65
C LEU C 319 -13.77 11.39 0.42
N ALA C 320 -13.99 11.99 -0.74
CA ALA C 320 -14.14 11.25 -1.99
C ALA C 320 -12.84 11.12 -2.75
N GLY C 321 -11.73 11.05 -2.07
CA GLY C 321 -10.46 10.97 -2.76
C GLY C 321 -9.94 9.59 -3.02
N HIS C 322 -10.75 8.55 -2.87
CA HIS C 322 -10.25 7.19 -2.90
C HIS C 322 -10.76 6.44 -4.12
N ASP C 323 -9.86 5.72 -4.78
CA ASP C 323 -10.13 5.03 -6.03
C ASP C 323 -10.72 3.64 -5.84
N ASN C 324 -10.74 3.13 -4.62
CA ASN C 324 -11.37 1.86 -4.32
C ASN C 324 -12.10 2.03 -3.01
N ARG C 325 -12.60 0.95 -2.42
CA ARG C 325 -13.47 1.07 -1.26
C ARG C 325 -12.68 1.45 -0.01
N VAL C 326 -13.31 2.23 0.85
CA VAL C 326 -12.63 2.75 2.05
C VAL C 326 -12.81 1.71 3.15
N SER C 327 -11.74 0.97 3.44
CA SER C 327 -11.83 -0.16 4.37
C SER C 327 -11.60 0.22 5.82
N CYS C 328 -10.80 1.24 6.10
CA CYS C 328 -10.45 1.62 7.46
C CYS C 328 -10.39 3.12 7.57
N LEU C 329 -10.66 3.63 8.77
CA LEU C 329 -10.53 5.05 9.07
C LEU C 329 -10.52 5.28 10.57
N GLY C 330 -9.70 6.23 11.02
CA GLY C 330 -9.67 6.61 12.42
C GLY C 330 -9.40 8.07 12.75
N VAL C 331 -10.21 8.64 13.59
CA VAL C 331 -10.01 9.99 14.10
C VAL C 331 -9.05 9.91 15.26
N THR C 332 -8.23 10.96 15.44
CA THR C 332 -7.16 10.96 16.42
C THR C 332 -7.70 11.09 17.85
N ASP C 333 -6.77 11.13 18.81
CA ASP C 333 -7.11 11.36 20.19
C ASP C 333 -7.26 12.83 20.54
N ASP C 334 -6.85 13.74 19.66
CA ASP C 334 -7.12 15.15 19.85
C ASP C 334 -8.09 15.71 18.82
N GLY C 335 -8.75 14.83 18.07
CA GLY C 335 -9.68 15.24 17.04
C GLY C 335 -9.08 15.93 15.85
N MET C 336 -7.76 15.87 15.70
CA MET C 336 -7.09 16.79 14.79
C MET C 336 -7.05 16.24 13.36
N ALA C 337 -6.72 14.98 13.19
CA ALA C 337 -6.65 14.41 11.87
C ALA C 337 -7.68 13.30 11.72
N VAL C 338 -7.72 12.75 10.51
CA VAL C 338 -8.51 11.57 10.13
C VAL C 338 -7.71 10.87 9.05
N ALA C 339 -7.38 9.61 9.25
CA ALA C 339 -6.90 8.86 8.11
C ALA C 339 -8.04 8.05 7.56
N THR C 340 -7.98 7.75 6.26
CA THR C 340 -8.86 6.78 5.62
C THR C 340 -7.97 5.97 4.71
N GLY C 341 -7.43 4.90 5.21
CA GLY C 341 -6.85 3.92 4.32
C GLY C 341 -7.93 3.22 3.55
N SER C 342 -7.56 2.61 2.43
CA SER C 342 -8.59 2.07 1.56
C SER C 342 -7.96 1.03 0.65
N TRP C 343 -8.80 0.40 -0.16
CA TRP C 343 -8.35 -0.70 -1.01
C TRP C 343 -7.52 -0.23 -2.20
N ASP C 344 -7.41 1.08 -2.45
CA ASP C 344 -6.54 1.58 -3.51
C ASP C 344 -5.10 1.77 -3.07
N SER C 345 -4.75 1.31 -1.85
CA SER C 345 -3.42 1.21 -1.26
C SER C 345 -2.87 2.54 -0.77
N PHE C 346 -3.72 3.49 -0.42
CA PHE C 346 -3.25 4.77 0.08
C PHE C 346 -3.94 5.07 1.39
N LEU C 347 -3.24 5.72 2.30
CA LEU C 347 -3.88 6.38 3.41
C LEU C 347 -3.81 7.86 3.12
N LYS C 348 -4.91 8.54 3.31
CA LYS C 348 -5.03 9.97 3.09
C LYS C 348 -5.39 10.60 4.41
N ILE C 349 -4.78 11.73 4.73
CA ILE C 349 -5.00 12.34 6.04
C ILE C 349 -5.75 13.63 5.85
N TRP C 350 -6.87 13.75 6.53
CA TRP C 350 -7.87 14.76 6.23
C TRP C 350 -7.98 15.71 7.40
N ASN C 351 -7.85 17.00 7.13
CA ASN C 351 -8.07 18.02 8.14
C ASN C 351 -8.79 19.19 7.50
N GLY C 352 -9.92 19.59 8.09
CA GLY C 352 -10.69 20.68 7.52
C GLY C 352 -10.06 22.03 7.82
N SER C 353 -10.05 22.90 6.79
CA SER C 353 -9.46 24.23 6.89
C SER C 353 -10.51 25.25 7.31
N SER C 354 -10.05 26.37 7.83
CA SER C 354 -10.95 27.43 8.29
C SER C 354 -11.29 28.42 7.17
N THR D 6 -29.44 -34.47 25.55
CA THR D 6 -29.59 -33.26 26.36
C THR D 6 -28.67 -32.14 25.87
N ALA D 7 -28.11 -32.31 24.66
CA ALA D 7 -27.21 -31.30 24.13
C ALA D 7 -27.98 -30.11 23.56
N SER D 8 -29.02 -30.38 22.77
CA SER D 8 -29.81 -29.29 22.20
C SER D 8 -30.72 -28.63 23.23
N ILE D 9 -30.99 -29.30 24.35
CA ILE D 9 -31.71 -28.66 25.44
C ILE D 9 -30.79 -27.65 26.14
N ALA D 10 -29.49 -27.93 26.17
CA ALA D 10 -28.52 -27.04 26.81
C ALA D 10 -28.31 -25.76 26.01
N GLN D 11 -28.67 -25.75 24.73
CA GLN D 11 -28.74 -24.50 23.99
C GLN D 11 -29.83 -23.59 24.55
N ALA D 12 -31.01 -24.14 24.82
CA ALA D 12 -32.07 -23.38 25.43
C ALA D 12 -31.84 -23.15 26.92
N ARG D 13 -31.00 -23.95 27.55
CA ARG D 13 -30.62 -23.68 28.93
C ARG D 13 -29.76 -22.43 29.04
N LYS D 14 -28.79 -22.27 28.13
CA LYS D 14 -27.82 -21.20 28.22
C LYS D 14 -28.40 -19.83 27.90
N LEU D 15 -29.61 -19.76 27.34
CA LEU D 15 -30.16 -18.47 26.93
C LEU D 15 -31.24 -17.95 27.88
N VAL D 16 -31.86 -18.82 28.67
CA VAL D 16 -32.94 -18.40 29.56
C VAL D 16 -32.41 -17.50 30.68
N GLU D 17 -31.39 -17.95 31.41
CA GLU D 17 -30.80 -17.09 32.41
C GLU D 17 -29.94 -15.99 31.80
N GLN D 18 -29.57 -16.10 30.52
CA GLN D 18 -28.98 -14.97 29.84
C GLN D 18 -30.04 -13.91 29.53
N LEU D 19 -31.21 -14.34 29.07
CA LEU D 19 -32.27 -13.39 28.74
C LEU D 19 -32.89 -12.74 29.96
N LYS D 20 -32.89 -13.41 31.11
CA LYS D 20 -33.47 -12.82 32.31
C LYS D 20 -32.47 -12.05 33.15
N MET D 21 -31.17 -12.28 32.96
CA MET D 21 -30.18 -11.37 33.53
C MET D 21 -30.01 -10.14 32.65
N GLU D 22 -30.47 -10.21 31.40
CA GLU D 22 -30.57 -9.05 30.53
C GLU D 22 -31.95 -8.40 30.61
N ALA D 23 -32.89 -9.01 31.34
CA ALA D 23 -34.23 -8.43 31.44
C ALA D 23 -34.34 -7.42 32.57
N ASN D 24 -33.64 -7.66 33.68
CA ASN D 24 -33.72 -6.79 34.85
C ASN D 24 -32.75 -5.61 34.79
N ILE D 25 -32.30 -5.22 33.59
CA ILE D 25 -31.45 -4.04 33.45
C ILE D 25 -32.24 -2.80 33.78
N ASP D 26 -31.65 -1.92 34.59
CA ASP D 26 -32.31 -0.72 35.08
C ASP D 26 -32.08 0.41 34.08
N ARG D 27 -32.86 0.41 33.00
CA ARG D 27 -32.65 1.33 31.90
C ARG D 27 -33.58 2.54 32.05
N ILE D 28 -33.12 3.69 31.56
CA ILE D 28 -33.93 4.91 31.59
C ILE D 28 -34.46 5.17 30.18
N LYS D 29 -35.60 5.84 30.10
CA LYS D 29 -36.20 6.18 28.81
C LYS D 29 -35.34 7.18 28.06
N VAL D 30 -35.50 7.18 26.73
CA VAL D 30 -34.48 7.72 25.84
C VAL D 30 -34.48 9.22 25.74
N SER D 31 -35.52 9.90 26.26
CA SER D 31 -35.55 11.35 26.19
C SER D 31 -34.55 12.00 27.12
N LYS D 32 -34.07 11.28 28.14
CA LYS D 32 -32.92 11.71 28.90
C LYS D 32 -31.67 10.94 28.50
N ALA D 33 -31.83 9.72 27.99
CA ALA D 33 -30.71 8.86 27.66
C ALA D 33 -30.10 9.17 26.30
N ALA D 34 -30.83 9.85 25.41
CA ALA D 34 -30.23 10.31 24.15
C ALA D 34 -29.95 11.80 24.15
N ALA D 35 -30.72 12.59 24.91
CA ALA D 35 -30.44 14.02 25.04
C ALA D 35 -29.24 14.29 25.93
N ASP D 36 -28.72 13.30 26.64
CA ASP D 36 -27.42 13.41 27.28
C ASP D 36 -26.28 13.11 26.33
N LEU D 37 -26.56 12.62 25.13
CA LEU D 37 -25.50 12.43 24.15
C LEU D 37 -25.29 13.66 23.29
N MET D 38 -26.36 14.43 23.04
CA MET D 38 -26.16 15.77 22.49
C MET D 38 -25.66 16.73 23.56
N ALA D 39 -25.95 16.46 24.83
CA ALA D 39 -25.36 17.23 25.92
C ALA D 39 -23.89 16.93 26.10
N TYR D 40 -23.39 15.81 25.56
CA TYR D 40 -21.96 15.57 25.54
C TYR D 40 -21.29 16.49 24.55
N CYS D 41 -21.97 16.80 23.44
CA CYS D 41 -21.30 17.43 22.31
C CYS D 41 -21.07 18.92 22.55
N GLU D 42 -22.09 19.64 23.02
CA GLU D 42 -21.95 21.07 23.22
C GLU D 42 -21.03 21.42 24.38
N ALA D 43 -20.74 20.46 25.26
CA ALA D 43 -19.68 20.66 26.25
C ALA D 43 -18.30 20.38 25.67
N HIS D 44 -18.20 19.71 24.52
CA HIS D 44 -16.93 19.39 23.89
C HIS D 44 -16.88 19.88 22.44
N ALA D 45 -17.73 20.85 22.09
CA ALA D 45 -17.82 21.34 20.72
C ALA D 45 -16.72 22.32 20.36
N LYS D 46 -16.04 22.91 21.35
CA LYS D 46 -14.98 23.87 21.05
C LYS D 46 -13.74 23.15 20.56
N GLU D 47 -13.32 22.12 21.29
CA GLU D 47 -12.03 21.47 21.05
C GLU D 47 -12.14 20.26 20.14
N ASP D 48 -13.15 20.20 19.28
CA ASP D 48 -13.22 19.22 18.21
C ASP D 48 -12.75 19.86 16.92
N PRO D 49 -11.52 19.60 16.47
CA PRO D 49 -10.94 20.40 15.38
C PRO D 49 -11.51 20.12 14.00
N LEU D 50 -12.37 19.12 13.85
CA LEU D 50 -12.99 18.88 12.55
C LEU D 50 -14.41 19.42 12.50
N LEU D 51 -15.11 19.40 13.64
CA LEU D 51 -16.40 20.05 13.74
C LEU D 51 -16.26 21.56 13.64
N THR D 52 -15.20 22.12 14.21
CA THR D 52 -14.82 23.51 14.00
C THR D 52 -13.34 23.57 13.63
N PRO D 53 -13.01 24.07 12.44
CA PRO D 53 -11.59 24.16 12.05
C PRO D 53 -10.84 25.18 12.90
N VAL D 54 -9.67 24.76 13.39
CA VAL D 54 -8.80 25.58 14.23
C VAL D 54 -8.12 26.66 13.39
N PRO D 55 -7.49 27.67 13.99
CA PRO D 55 -6.58 28.51 13.21
C PRO D 55 -5.41 27.70 12.69
N ALA D 56 -5.00 28.00 11.46
CA ALA D 56 -4.06 27.16 10.74
C ALA D 56 -2.63 27.24 11.27
N SER D 57 -2.33 28.17 12.18
CA SER D 57 -1.00 28.23 12.77
C SER D 57 -0.82 27.15 13.82
N GLU D 58 -1.90 26.68 14.43
CA GLU D 58 -1.86 25.59 15.38
C GLU D 58 -2.09 24.22 14.75
N ASN D 59 -2.51 24.19 13.49
CA ASN D 59 -2.75 22.94 12.80
C ASN D 59 -1.43 22.27 12.45
N PRO D 60 -1.17 21.04 12.91
CA PRO D 60 0.08 20.36 12.54
C PRO D 60 0.04 19.76 11.16
N PHE D 61 -1.11 19.74 10.52
CA PHE D 61 -1.28 19.17 9.19
C PHE D 61 -1.48 20.33 8.24
N ARG D 62 -0.36 20.86 7.75
CA ARG D 62 -0.33 21.98 6.82
C ARG D 62 0.29 21.50 5.52
N GLU D 63 -0.54 21.39 4.49
CA GLU D 63 -0.14 20.79 3.21
C GLU D 63 0.92 21.60 2.48
N ASP E 38 23.71 -7.91 26.49
CA ASP E 38 22.75 -7.08 25.77
C ASP E 38 23.47 -6.36 24.62
N VAL E 39 23.39 -5.04 24.61
CA VAL E 39 24.05 -4.22 23.60
C VAL E 39 25.52 -4.08 23.98
N GLN E 40 26.39 -4.12 22.99
CA GLN E 40 27.83 -4.06 23.24
C GLN E 40 28.55 -3.51 22.03
N LEU E 41 29.26 -2.39 22.22
CA LEU E 41 30.21 -1.87 21.25
C LEU E 41 31.60 -1.94 21.85
N VAL E 42 32.55 -2.51 21.11
CA VAL E 42 33.94 -2.52 21.54
C VAL E 42 34.83 -2.25 20.33
N GLU E 43 35.75 -1.30 20.48
CA GLU E 43 36.57 -0.85 19.37
C GLU E 43 38.03 -1.13 19.63
N SER E 44 38.80 -1.16 18.54
CA SER E 44 40.17 -1.62 18.56
C SER E 44 41.06 -0.61 17.85
N GLY E 45 42.33 -0.97 17.69
CA GLY E 45 43.25 -0.18 16.91
C GLY E 45 43.83 1.00 17.66
N GLY E 46 45.14 1.17 17.61
CA GLY E 46 45.78 2.34 18.16
C GLY E 46 46.46 2.05 19.49
N GLY E 47 46.97 3.13 20.08
CA GLY E 47 47.65 3.08 21.35
C GLY E 47 48.97 3.82 21.38
N LEU E 48 49.77 3.68 20.32
CA LEU E 48 51.06 4.38 20.24
C LEU E 48 51.47 4.38 18.77
N VAL E 49 51.66 5.58 18.20
CA VAL E 49 52.09 5.72 16.82
C VAL E 49 52.96 6.96 16.71
N GLN E 50 53.95 6.91 15.82
CA GLN E 50 54.81 8.05 15.61
C GLN E 50 54.05 9.14 14.83
N PRO E 51 54.39 10.41 15.04
CA PRO E 51 53.60 11.48 14.41
C PRO E 51 53.81 11.57 12.91
N GLY E 52 52.74 11.97 12.22
CA GLY E 52 52.72 11.97 10.78
C GLY E 52 52.34 10.66 10.14
N GLY E 53 51.95 9.67 10.93
CA GLY E 53 51.63 8.35 10.44
C GLY E 53 50.16 8.15 10.18
N SER E 54 49.76 6.87 10.24
CA SER E 54 48.39 6.47 9.95
C SER E 54 47.95 5.43 10.96
N ARG E 55 46.64 5.26 11.07
CA ARG E 55 46.05 4.27 11.97
C ARG E 55 44.63 3.97 11.51
N LYS E 56 44.22 2.71 11.64
CA LYS E 56 42.89 2.27 11.26
C LYS E 56 42.15 1.82 12.52
N LEU E 57 41.17 2.60 12.95
CA LEU E 57 40.34 2.26 14.09
C LEU E 57 39.10 1.51 13.62
N SER E 58 38.93 0.29 14.10
CA SER E 58 37.73 -0.49 13.87
C SER E 58 36.91 -0.60 15.14
N CYS E 59 35.59 -0.69 14.99
CA CYS E 59 34.66 -0.76 16.12
C CYS E 59 33.70 -1.91 15.87
N SER E 60 33.87 -3.00 16.61
CA SER E 60 33.08 -4.21 16.41
C SER E 60 31.78 -4.13 17.20
N ALA E 61 30.66 -4.18 16.50
CA ALA E 61 29.34 -4.07 17.09
C ALA E 61 28.71 -5.46 17.21
N SER E 62 28.02 -5.69 18.33
CA SER E 62 27.41 -6.98 18.60
C SER E 62 26.32 -6.80 19.64
N GLY E 63 25.11 -7.25 19.33
CA GLY E 63 24.00 -7.15 20.26
C GLY E 63 22.83 -6.34 19.78
N PHE E 64 22.95 -5.66 18.64
CA PHE E 64 21.89 -4.80 18.15
C PHE E 64 21.87 -4.86 16.62
N ALA E 65 20.96 -4.10 16.03
CA ALA E 65 20.76 -4.09 14.58
C ALA E 65 21.60 -2.97 13.96
N PHE E 66 22.90 -3.26 13.82
CA PHE E 66 23.91 -2.26 13.44
C PHE E 66 23.67 -1.67 12.06
N SER E 67 23.02 -2.41 11.17
CA SER E 67 22.65 -1.90 9.85
C SER E 67 21.48 -0.94 9.88
N SER E 68 20.91 -0.66 11.04
CA SER E 68 19.81 0.27 11.18
C SER E 68 20.17 1.47 12.05
N PHE E 69 21.43 1.60 12.43
CA PHE E 69 21.88 2.66 13.31
C PHE E 69 22.83 3.59 12.58
N GLY E 70 22.76 4.88 12.90
CA GLY E 70 23.82 5.80 12.57
C GLY E 70 24.94 5.61 13.56
N MET E 71 26.16 5.89 13.14
CA MET E 71 27.33 5.62 13.96
C MET E 71 28.26 6.81 13.96
N HIS E 72 28.63 7.25 15.15
CA HIS E 72 29.58 8.33 15.34
C HIS E 72 30.92 7.78 15.80
N TRP E 73 31.91 8.64 15.77
CA TRP E 73 33.10 8.50 16.60
C TRP E 73 33.18 9.76 17.41
N VAL E 74 33.55 9.65 18.68
CA VAL E 74 33.79 10.81 19.53
C VAL E 74 35.10 10.55 20.25
N ARG E 75 35.96 11.56 20.29
CA ARG E 75 37.22 11.43 20.99
C ARG E 75 37.22 12.25 22.27
N GLN E 76 38.22 11.98 23.12
CA GLN E 76 38.38 12.66 24.39
C GLN E 76 39.86 12.69 24.71
N ALA E 77 40.47 13.86 24.60
CA ALA E 77 41.88 14.01 24.91
C ALA E 77 42.11 13.88 26.42
N PRO E 78 43.32 13.51 26.85
CA PRO E 78 43.57 13.35 28.29
C PRO E 78 43.40 14.66 29.07
N GLU E 79 42.73 14.54 30.21
CA GLU E 79 42.23 15.63 31.09
C GLU E 79 41.56 16.77 30.31
N LYS E 80 40.88 16.43 29.22
CA LYS E 80 40.12 17.38 28.43
C LYS E 80 38.68 16.88 28.32
N GLY E 81 37.83 17.64 27.62
CA GLY E 81 36.48 17.21 27.34
C GLY E 81 36.39 16.33 26.10
N LEU E 82 35.16 16.04 25.69
CA LEU E 82 34.98 15.25 24.49
C LEU E 82 34.99 16.13 23.26
N GLU E 83 35.23 15.52 22.11
CA GLU E 83 35.22 16.22 20.83
C GLU E 83 34.74 15.27 19.75
N TRP E 84 33.70 15.66 19.04
CA TRP E 84 33.10 14.84 18.01
C TRP E 84 34.02 14.71 16.80
N VAL E 85 34.01 13.53 16.17
CA VAL E 85 34.99 13.17 15.15
C VAL E 85 34.35 13.02 13.77
N ALA E 86 33.34 12.16 13.65
CA ALA E 86 32.76 11.87 12.34
C ALA E 86 31.34 11.35 12.52
N TYR E 87 30.77 10.80 11.45
CA TYR E 87 29.39 10.34 11.39
C TYR E 87 29.16 9.53 10.11
N ILE E 88 28.33 8.50 10.20
CA ILE E 88 27.67 7.91 9.02
C ILE E 88 26.21 7.75 9.36
N SER E 89 25.34 8.12 8.41
CA SER E 89 23.94 7.81 8.59
C SER E 89 23.71 6.34 8.31
N SER E 90 22.56 5.83 8.74
CA SER E 90 22.21 4.43 8.50
C SER E 90 21.94 4.22 7.03
N GLY E 91 22.62 3.25 6.43
CA GLY E 91 22.58 3.09 5.00
C GLY E 91 23.59 3.89 4.23
N SER E 92 24.56 4.50 4.92
CA SER E 92 25.75 5.14 4.35
C SER E 92 25.42 6.31 3.43
N GLY E 93 24.27 6.94 3.63
CA GLY E 93 23.88 7.99 2.72
C GLY E 93 24.44 9.36 3.03
N THR E 94 24.61 9.65 4.32
CA THR E 94 25.02 10.97 4.79
C THR E 94 26.23 10.81 5.67
N ILE E 95 27.35 11.38 5.23
CA ILE E 95 28.59 11.36 5.99
C ILE E 95 28.99 12.79 6.28
N TYR E 96 29.22 13.10 7.55
CA TYR E 96 29.80 14.35 7.96
C TYR E 96 31.16 14.07 8.58
N TYR E 97 31.93 15.13 8.81
CA TYR E 97 33.19 15.03 9.54
C TYR E 97 33.32 16.22 10.45
N ALA E 98 34.30 16.14 11.34
CA ALA E 98 34.65 17.28 12.16
C ALA E 98 35.46 18.24 11.34
N ASP E 99 35.09 19.52 11.40
CA ASP E 99 35.74 20.54 10.59
C ASP E 99 37.17 20.84 11.04
N THR E 100 37.58 20.32 12.20
CA THR E 100 38.98 20.38 12.61
C THR E 100 39.87 19.58 11.65
N VAL E 101 39.53 18.32 11.41
CA VAL E 101 40.37 17.41 10.67
C VAL E 101 39.62 16.78 9.49
N LYS E 102 38.67 17.54 8.94
CA LYS E 102 37.91 17.09 7.77
C LYS E 102 38.83 16.90 6.57
N GLY E 103 38.65 15.78 5.87
CA GLY E 103 39.50 15.43 4.77
C GLY E 103 40.73 14.63 5.16
N ARG E 104 41.07 14.63 6.44
CA ARG E 104 42.14 13.80 6.95
C ARG E 104 41.64 12.43 7.39
N PHE E 105 40.53 12.39 8.11
CA PHE E 105 39.99 11.12 8.58
C PHE E 105 39.08 10.52 7.51
N THR E 106 38.75 9.24 7.69
CA THR E 106 37.77 8.59 6.83
C THR E 106 36.94 7.61 7.64
N ILE E 107 35.62 7.78 7.66
CA ILE E 107 34.71 6.92 8.41
C ILE E 107 34.01 5.98 7.42
N SER E 108 33.93 4.70 7.77
CA SER E 108 33.30 3.71 6.91
C SER E 108 32.69 2.62 7.78
N ARG E 109 31.67 1.96 7.24
CA ARG E 109 31.00 0.86 7.92
C ARG E 109 30.85 -0.31 6.95
N ASP E 110 30.68 -1.49 7.51
CA ASP E 110 30.33 -2.67 6.71
C ASP E 110 29.29 -3.49 7.46
N ASP E 111 28.06 -3.45 6.97
CA ASP E 111 26.95 -4.06 7.69
C ASP E 111 26.95 -5.59 7.77
N PRO E 112 27.34 -6.38 6.76
CA PRO E 112 27.41 -7.84 6.98
C PRO E 112 28.53 -8.27 7.93
N LYS E 113 29.51 -7.42 8.17
CA LYS E 113 30.57 -7.73 9.13
C LYS E 113 30.27 -7.18 10.52
N ASN E 114 29.35 -6.21 10.61
CA ASN E 114 28.99 -5.51 11.85
C ASN E 114 30.21 -4.88 12.53
N THR E 115 30.99 -4.14 11.75
CA THR E 115 32.07 -3.31 12.28
C THR E 115 31.95 -1.90 11.75
N LEU E 116 32.63 -0.98 12.42
CA LEU E 116 32.65 0.43 12.05
C LEU E 116 34.10 0.89 11.98
N PHE E 117 34.53 1.34 10.82
CA PHE E 117 35.91 1.69 10.58
C PHE E 117 36.11 3.19 10.67
N LEU E 118 37.31 3.60 11.10
CA LEU E 118 37.78 4.97 10.96
C LEU E 118 39.23 4.92 10.55
N GLN E 119 39.53 5.44 9.35
CA GLN E 119 40.90 5.57 8.88
C GLN E 119 41.39 6.98 9.19
N MET E 120 42.38 7.07 10.06
CA MET E 120 42.98 8.34 10.44
C MET E 120 44.43 8.37 9.95
N THR E 121 44.70 9.28 9.01
CA THR E 121 46.02 9.41 8.41
C THR E 121 46.59 10.79 8.67
N SER E 122 47.91 10.89 8.52
CA SER E 122 48.70 12.11 8.75
C SER E 122 48.51 12.64 10.17
N LEU E 123 48.83 11.79 11.14
CA LEU E 123 48.39 12.00 12.51
C LEU E 123 49.22 13.08 13.19
N ARG E 124 48.53 14.07 13.75
CA ARG E 124 49.14 15.20 14.42
C ARG E 124 49.27 14.91 15.91
N SER E 125 49.55 15.95 16.70
CA SER E 125 49.65 15.82 18.15
C SER E 125 48.35 16.16 18.87
N GLU E 126 47.46 16.92 18.24
CA GLU E 126 46.14 17.15 18.82
C GLU E 126 45.23 15.95 18.65
N ASP E 127 45.62 14.98 17.83
CA ASP E 127 44.88 13.75 17.62
C ASP E 127 44.99 12.77 18.78
N THR E 128 45.87 13.04 19.75
CA THR E 128 46.02 12.17 20.91
C THR E 128 44.78 12.28 21.80
N ALA E 129 44.01 11.18 21.86
CA ALA E 129 42.73 11.14 22.54
C ALA E 129 42.27 9.70 22.63
N MET E 130 41.39 9.42 23.58
CA MET E 130 40.67 8.17 23.62
C MET E 130 39.41 8.29 22.78
N TYR E 131 39.25 7.39 21.82
CA TYR E 131 38.20 7.50 20.81
C TYR E 131 37.06 6.56 21.15
N TYR E 132 35.85 7.09 21.16
CA TYR E 132 34.67 6.33 21.54
C TYR E 132 33.83 6.00 20.31
N CYS E 133 33.04 4.93 20.43
CA CYS E 133 32.13 4.49 19.38
C CYS E 133 30.72 4.70 19.89
N VAL E 134 29.98 5.58 19.23
CA VAL E 134 28.67 5.97 19.71
C VAL E 134 27.62 5.44 18.76
N ARG E 135 26.55 4.93 19.33
CA ARG E 135 25.40 4.38 18.62
C ARG E 135 24.30 5.44 18.61
N SER E 136 23.58 5.56 17.50
CA SER E 136 22.59 6.61 17.37
C SER E 136 21.58 6.27 16.30
N ILE E 137 20.29 6.39 16.60
CA ILE E 137 19.25 6.06 15.62
C ILE E 137 18.25 7.20 15.57
N TYR E 138 17.85 7.57 14.36
CA TYR E 138 17.00 8.73 14.16
C TYR E 138 15.74 8.29 13.46
N TYR E 139 14.65 8.24 14.23
CA TYR E 139 13.30 8.20 13.70
C TYR E 139 12.49 9.06 14.63
N TYR E 140 11.18 9.11 14.44
CA TYR E 140 10.37 9.92 15.35
C TYR E 140 10.36 9.27 16.72
N GLY E 141 10.99 9.92 17.68
CA GLY E 141 10.90 9.52 19.06
C GLY E 141 12.02 8.64 19.54
N SER E 142 13.08 8.47 18.77
CA SER E 142 14.15 7.62 19.23
C SER E 142 15.02 8.35 20.25
N SER E 143 15.93 7.60 20.87
CA SER E 143 16.95 8.19 21.72
C SER E 143 18.26 8.09 20.98
N PRO E 144 18.76 9.16 20.38
CA PRO E 144 20.11 9.13 19.83
C PRO E 144 21.15 9.15 20.93
N PHE E 145 22.37 8.75 20.55
CA PHE E 145 23.59 8.89 21.35
C PHE E 145 23.56 8.09 22.65
N ASP E 146 22.85 6.95 22.68
CA ASP E 146 22.60 6.33 23.98
C ASP E 146 23.69 5.35 24.38
N PHE E 147 24.11 4.46 23.51
CA PHE E 147 25.10 3.46 23.87
C PHE E 147 26.46 3.88 23.35
N TRP E 148 27.41 4.06 24.27
CA TRP E 148 28.78 4.40 23.96
C TRP E 148 29.66 3.21 24.23
N GLY E 149 30.64 2.98 23.37
CA GLY E 149 31.60 1.92 23.60
C GLY E 149 32.58 2.25 24.71
N GLN E 150 33.38 1.25 25.07
CA GLN E 150 34.37 1.43 26.12
C GLN E 150 35.54 2.28 25.64
N GLY E 151 35.86 2.22 24.36
CA GLY E 151 36.81 3.12 23.76
C GLY E 151 38.11 2.43 23.38
N THR E 152 38.89 3.12 22.56
CA THR E 152 40.29 2.78 22.33
C THR E 152 41.09 4.06 22.42
N THR E 153 42.35 3.93 22.78
CA THR E 153 43.23 5.07 22.96
C THR E 153 44.18 5.19 21.78
N LEU E 154 44.51 6.43 21.43
CA LEU E 154 45.54 6.72 20.44
C LEU E 154 46.44 7.81 21.00
N THR E 155 47.73 7.51 21.09
CA THR E 155 48.72 8.48 21.52
C THR E 155 49.78 8.65 20.45
N VAL E 156 50.36 9.85 20.39
CA VAL E 156 51.57 10.09 19.62
C VAL E 156 52.63 10.61 20.57
N SER E 157 53.87 10.64 20.10
CA SER E 157 55.00 11.11 20.87
C SER E 157 55.64 12.30 20.17
N SER E 158 55.90 13.36 20.94
CA SER E 158 56.48 14.58 20.36
C SER E 158 57.45 15.23 21.33
N SER E 174 30.96 31.15 13.82
CA SER E 174 31.04 29.93 13.04
C SER E 174 29.98 28.94 13.50
N ASP E 175 30.40 27.91 14.23
CA ASP E 175 29.49 26.91 14.75
C ASP E 175 29.19 27.19 16.22
N ILE E 176 28.32 26.37 16.80
CA ILE E 176 27.80 26.61 18.14
C ILE E 176 28.85 26.20 19.16
N VAL E 177 28.93 26.95 20.24
CA VAL E 177 29.82 26.65 21.36
C VAL E 177 28.94 26.31 22.56
N MET E 178 29.21 25.16 23.18
CA MET E 178 28.60 24.84 24.47
C MET E 178 29.59 25.23 25.55
N THR E 179 29.13 26.01 26.53
CA THR E 179 29.98 26.48 27.62
C THR E 179 29.37 26.05 28.94
N GLN E 180 30.06 25.15 29.63
CA GLN E 180 29.82 24.88 31.04
C GLN E 180 30.88 25.64 31.82
N ALA E 181 30.53 26.84 32.29
CA ALA E 181 31.51 27.72 32.91
C ALA E 181 31.94 27.19 34.27
N THR E 182 31.12 26.36 34.91
CA THR E 182 31.52 25.68 36.12
C THR E 182 32.42 24.50 35.76
N SER E 183 33.53 24.37 36.45
CA SER E 183 34.46 23.27 36.19
C SER E 183 34.28 22.11 37.16
N SER E 184 34.03 22.40 38.44
CA SER E 184 33.81 21.35 39.43
C SER E 184 32.95 21.89 40.56
N VAL E 185 32.17 21.01 41.18
CA VAL E 185 31.29 21.36 42.28
C VAL E 185 31.53 20.39 43.42
N PRO E 186 31.89 20.87 44.62
CA PRO E 186 31.91 19.98 45.78
C PRO E 186 30.48 19.71 46.27
N VAL E 187 30.16 18.43 46.44
CA VAL E 187 28.79 18.04 46.77
C VAL E 187 28.84 16.73 47.56
N THR E 188 27.97 16.64 48.58
CA THR E 188 27.63 15.70 49.63
C THR E 188 26.36 14.93 49.24
N PRO E 189 26.32 13.61 49.45
CA PRO E 189 25.15 12.82 49.00
C PRO E 189 23.87 13.18 49.75
N GLY E 190 22.79 13.32 48.99
CA GLY E 190 21.47 13.60 49.52
C GLY E 190 20.87 14.91 49.07
N GLU E 191 21.68 15.90 48.70
CA GLU E 191 21.15 17.21 48.32
C GLU E 191 20.82 17.24 46.83
N SER E 192 20.10 18.29 46.44
CA SER E 192 19.73 18.46 45.05
C SER E 192 20.82 19.20 44.29
N VAL E 193 21.39 18.54 43.28
CA VAL E 193 22.40 19.14 42.42
C VAL E 193 21.68 19.78 41.24
N SER E 194 22.25 20.87 40.72
CA SER E 194 21.73 21.51 39.52
C SER E 194 22.91 21.97 38.66
N ILE E 195 23.13 21.28 37.54
CA ILE E 195 24.18 21.60 36.60
C ILE E 195 23.57 22.36 35.43
N SER E 196 24.29 23.35 34.92
CA SER E 196 23.78 24.22 33.86
C SER E 196 24.86 24.47 32.83
N CYS E 197 24.44 24.69 31.58
CA CYS E 197 25.38 25.14 30.57
C CYS E 197 24.66 26.08 29.60
N ARG E 198 25.45 26.69 28.72
CA ARG E 198 25.00 27.70 27.78
C ARG E 198 25.36 27.30 26.36
N SER E 199 24.56 27.77 25.40
CA SER E 199 24.83 27.62 23.99
C SER E 199 25.07 28.98 23.36
N SER E 200 25.52 28.96 22.10
CA SER E 200 25.67 30.19 21.33
C SER E 200 24.39 30.47 20.55
N LYS E 201 24.04 29.57 19.63
CA LYS E 201 22.78 29.62 18.93
C LYS E 201 21.67 29.08 19.82
N SER E 202 20.43 29.45 19.48
CA SER E 202 19.28 28.84 20.13
C SER E 202 19.16 27.40 19.67
N LEU E 203 19.06 26.47 20.63
CA LEU E 203 19.00 25.07 20.30
C LEU E 203 17.61 24.61 19.91
N LEU E 204 16.58 25.36 20.28
CA LEU E 204 15.21 25.05 19.90
C LEU E 204 15.04 25.19 18.40
N HIS E 205 14.38 24.22 17.80
CA HIS E 205 14.13 24.18 16.37
C HIS E 205 12.66 24.46 16.10
N SER E 206 12.37 24.84 14.86
CA SER E 206 11.02 25.19 14.43
C SER E 206 10.08 23.99 14.42
N ASN E 207 10.59 22.75 14.41
CA ASN E 207 9.67 21.61 14.46
C ASN E 207 9.20 21.33 15.87
N GLY E 208 9.98 21.71 16.88
CA GLY E 208 9.45 21.71 18.23
C GLY E 208 10.35 21.27 19.35
N ASN E 209 11.46 20.60 19.05
CA ASN E 209 12.30 20.05 20.11
C ASN E 209 13.54 20.91 20.30
N THR E 210 14.37 20.54 21.27
CA THR E 210 15.54 21.31 21.63
C THR E 210 16.74 20.37 21.71
N TYR E 211 17.57 20.32 20.68
CA TYR E 211 18.66 19.36 20.64
C TYR E 211 19.79 19.75 21.59
N LEU E 212 19.58 19.44 22.87
CA LEU E 212 20.66 19.44 23.85
C LEU E 212 20.74 18.06 24.48
N TYR E 213 21.94 17.49 24.51
CA TYR E 213 22.16 16.15 25.02
C TYR E 213 23.02 16.23 26.26
N TRP E 214 22.77 15.36 27.23
CA TRP E 214 23.55 15.28 28.45
C TRP E 214 24.25 13.93 28.51
N PHE E 215 25.43 13.91 29.12
CA PHE E 215 26.16 12.66 29.29
C PHE E 215 26.91 12.69 30.61
N LEU E 216 27.03 11.53 31.24
CA LEU E 216 27.84 11.37 32.44
C LEU E 216 28.96 10.40 32.13
N GLN E 217 30.18 10.80 32.39
CA GLN E 217 31.32 9.90 32.36
C GLN E 217 31.80 9.69 33.80
N ARG E 218 31.50 8.52 34.35
CA ARG E 218 32.00 8.13 35.66
C ARG E 218 33.52 7.89 35.58
N PRO E 219 34.24 8.02 36.70
CA PRO E 219 35.70 7.84 36.66
C PRO E 219 36.11 6.42 36.29
N GLY E 220 36.90 6.31 35.24
CA GLY E 220 37.27 5.02 34.69
C GLY E 220 36.21 4.37 33.86
N GLN E 221 35.20 5.12 33.43
CA GLN E 221 34.07 4.60 32.68
C GLN E 221 33.92 5.34 31.36
N SER E 222 32.93 4.94 30.60
CA SER E 222 32.49 5.44 29.32
C SER E 222 31.29 6.38 29.50
N PRO E 223 31.06 7.31 28.59
CA PRO E 223 29.89 8.19 28.74
C PRO E 223 28.58 7.44 28.56
N GLN E 224 27.53 8.03 29.11
CA GLN E 224 26.26 7.36 29.26
C GLN E 224 25.17 8.41 29.13
N LEU E 225 24.24 8.20 28.21
CA LEU E 225 23.23 9.20 27.94
C LEU E 225 22.27 9.31 29.11
N LEU E 226 22.10 10.52 29.60
CA LEU E 226 21.16 10.81 30.66
C LEU E 226 19.88 11.42 30.13
N ILE E 227 20.00 12.52 29.40
CA ILE E 227 18.88 13.25 28.86
C ILE E 227 19.17 13.52 27.40
N TYR E 228 18.25 13.13 26.53
CA TYR E 228 18.35 13.42 25.11
C TYR E 228 17.30 14.45 24.74
N ARG E 229 17.70 15.39 23.89
CA ARG E 229 16.87 16.50 23.41
C ARG E 229 16.28 17.30 24.56
N MET E 230 17.14 17.68 25.50
CA MET E 230 16.93 18.69 26.55
C MET E 230 15.93 18.31 27.64
N SER E 231 15.11 17.31 27.42
CA SER E 231 14.13 16.98 28.43
C SER E 231 14.03 15.50 28.75
N ASN E 232 14.13 14.65 27.74
CA ASN E 232 13.66 13.28 27.87
C ASN E 232 14.74 12.38 28.46
N LEU E 233 14.37 11.61 29.48
CA LEU E 233 15.29 10.69 30.13
C LEU E 233 15.55 9.46 29.27
N ALA E 234 16.78 8.96 29.28
CA ALA E 234 17.15 7.80 28.51
C ALA E 234 16.66 6.52 29.19
N SER E 235 17.05 5.38 28.63
CA SER E 235 16.55 4.09 29.07
C SER E 235 17.46 3.53 30.15
N GLY E 236 16.88 3.18 31.29
CA GLY E 236 17.64 2.60 32.37
C GLY E 236 18.38 3.57 33.24
N VAL E 237 18.23 4.87 33.01
CA VAL E 237 18.81 5.85 33.91
C VAL E 237 17.93 5.88 35.13
N PRO E 238 18.46 6.18 36.32
CA PRO E 238 17.60 6.39 37.48
C PRO E 238 16.76 7.64 37.30
N ASP E 239 15.59 7.64 37.94
CA ASP E 239 14.63 8.72 37.78
C ASP E 239 15.04 10.01 38.50
N ARG E 240 16.16 10.00 39.24
CA ARG E 240 16.59 11.17 40.00
C ARG E 240 17.02 12.30 39.08
N PHE E 241 17.65 11.97 37.96
CA PHE E 241 18.06 12.96 36.99
C PHE E 241 16.85 13.56 36.30
N SER E 242 16.98 14.84 35.90
CA SER E 242 15.97 15.51 35.11
C SER E 242 16.62 16.67 34.37
N GLY E 243 16.10 16.96 33.19
CA GLY E 243 16.62 18.00 32.35
C GLY E 243 15.56 19.02 32.03
N SER E 244 15.99 20.25 31.74
CA SER E 244 15.10 21.39 31.58
C SER E 244 15.87 22.52 30.93
N GLY E 245 15.27 23.71 30.89
CA GLY E 245 15.85 24.86 30.25
C GLY E 245 14.89 25.47 29.24
N SER E 246 15.37 26.52 28.58
CA SER E 246 14.58 27.21 27.57
C SER E 246 15.51 27.92 26.60
N GLY E 247 15.61 27.40 25.38
CA GLY E 247 16.25 28.11 24.29
C GLY E 247 17.76 28.03 24.25
N THR E 248 18.44 28.83 25.07
CA THR E 248 19.90 28.90 25.06
C THR E 248 20.56 28.55 26.38
N ALA E 249 19.82 28.56 27.48
CA ALA E 249 20.35 28.21 28.79
C ALA E 249 19.52 27.08 29.36
N PHE E 250 20.19 26.08 29.90
CA PHE E 250 19.55 24.84 30.32
C PHE E 250 20.03 24.48 31.72
N THR E 251 19.29 23.59 32.37
CA THR E 251 19.69 23.15 33.70
C THR E 251 19.33 21.67 33.91
N LEU E 252 20.38 20.87 34.09
CA LEU E 252 20.28 19.48 34.53
C LEU E 252 20.21 19.41 36.06
N THR E 253 19.18 18.76 36.57
CA THR E 253 18.97 18.63 38.01
C THR E 253 19.08 17.16 38.41
N ILE E 254 19.79 16.89 39.50
CA ILE E 254 19.66 15.63 40.23
C ILE E 254 19.00 15.96 41.55
N SER E 255 18.14 15.06 42.04
CA SER E 255 17.47 15.31 43.30
C SER E 255 18.23 14.74 44.49
N ARG E 256 18.79 13.53 44.35
CA ARG E 256 19.52 12.87 45.41
C ARG E 256 20.84 12.40 44.83
N LEU E 257 21.94 12.73 45.49
CA LEU E 257 23.24 12.28 45.03
C LEU E 257 23.55 10.89 45.60
N GLU E 258 24.07 10.01 44.75
CA GLU E 258 24.60 8.72 45.17
C GLU E 258 26.05 8.57 44.74
N ALA E 259 26.67 7.50 45.20
CA ALA E 259 28.10 7.29 45.04
C ALA E 259 28.51 7.03 43.60
N GLU E 260 27.58 6.59 42.75
CA GLU E 260 27.87 6.41 41.33
C GLU E 260 27.36 7.56 40.48
N ASP E 261 26.75 8.57 41.08
CA ASP E 261 26.40 9.79 40.35
C ASP E 261 27.53 10.81 40.38
N VAL E 262 28.68 10.45 40.87
CA VAL E 262 29.84 11.32 40.75
C VAL E 262 30.46 11.08 39.38
N GLY E 263 31.16 12.08 38.90
CA GLY E 263 31.66 12.06 37.54
C GLY E 263 31.47 13.41 36.91
N VAL E 264 31.92 13.50 35.67
CA VAL E 264 31.89 14.75 34.92
C VAL E 264 30.69 14.72 33.96
N TYR E 265 29.91 15.80 33.97
CA TYR E 265 28.60 15.86 33.34
C TYR E 265 28.69 16.78 32.13
N TYR E 266 28.75 16.19 30.94
CA TYR E 266 28.93 16.98 29.73
C TYR E 266 27.60 17.35 29.10
N CYS E 267 27.64 18.37 28.25
CA CYS E 267 26.46 18.75 27.48
C CYS E 267 26.84 18.89 26.01
N MET E 268 26.05 18.26 25.15
CA MET E 268 26.22 18.27 23.72
C MET E 268 25.02 18.94 23.05
N GLN E 269 25.25 19.50 21.87
CA GLN E 269 24.19 19.93 20.99
C GLN E 269 24.12 19.00 19.78
N HIS E 270 22.99 19.02 19.11
CA HIS E 270 22.86 18.24 17.88
C HIS E 270 22.08 19.02 16.82
N LEU E 271 22.05 20.35 16.91
CA LEU E 271 21.13 21.12 16.09
C LEU E 271 21.61 21.18 14.65
N GLU E 272 22.91 21.30 14.45
CA GLU E 272 23.49 21.24 13.12
C GLU E 272 24.90 20.76 13.29
N TYR E 273 25.44 20.24 12.24
CA TYR E 273 26.78 19.69 12.42
C TYR E 273 27.81 20.79 12.29
N PRO E 274 28.87 20.79 13.13
CA PRO E 274 29.32 19.78 14.08
C PRO E 274 28.54 19.65 15.38
N LEU E 275 28.55 18.45 15.92
CA LEU E 275 28.00 18.19 17.25
C LEU E 275 29.07 18.62 18.25
N THR E 276 29.06 19.89 18.61
CA THR E 276 30.11 20.46 19.43
C THR E 276 29.83 20.17 20.91
N PHE E 277 30.83 19.63 21.59
CA PHE E 277 30.79 19.43 23.03
C PHE E 277 31.30 20.68 23.74
N GLY E 278 31.23 20.64 25.06
CA GLY E 278 31.81 21.66 25.90
C GLY E 278 32.77 21.01 26.89
N ALA E 279 33.49 21.85 27.62
CA ALA E 279 34.32 21.38 28.72
C ALA E 279 33.39 20.92 29.84
N GLY E 280 33.81 19.89 30.56
CA GLY E 280 32.89 19.22 31.45
C GLY E 280 32.76 19.85 32.82
N THR E 281 31.71 19.43 33.52
CA THR E 281 31.42 19.90 34.87
C THR E 281 31.61 18.73 35.84
N LYS E 282 32.65 18.80 36.65
CA LYS E 282 33.02 17.67 37.50
C LYS E 282 32.20 17.65 38.77
N LEU E 283 31.82 16.46 39.21
CA LEU E 283 31.29 16.24 40.55
C LEU E 283 32.14 15.19 41.24
N GLU E 284 32.77 15.58 42.34
CA GLU E 284 33.65 14.72 43.10
C GLU E 284 33.00 14.44 44.45
N LEU E 285 33.48 13.39 45.11
CA LEU E 285 32.93 13.00 46.39
C LEU E 285 33.92 13.25 47.53
N CYS F 2 10.25 19.97 -53.64
CA CYS F 2 9.93 19.13 -52.50
C CYS F 2 10.96 18.13 -52.03
N TYR F 3 11.28 18.31 -50.76
CA TYR F 3 12.29 17.56 -50.04
C TYR F 3 12.02 17.85 -48.58
N LYS F 5 9.35 18.38 -46.25
CA LYS F 5 7.92 18.57 -46.01
C LYS F 5 7.22 19.73 -46.73
N VAL F 6 7.82 20.32 -47.76
CA VAL F 6 7.17 21.38 -48.52
C VAL F 6 7.76 21.43 -49.93
N CYS F 7 6.93 21.75 -50.92
CA CYS F 7 7.34 21.81 -52.32
C CYS F 7 7.07 23.17 -52.93
#